data_3T5O
#
_entry.id   3T5O
#
_cell.length_a   146.810
_cell.length_b   180.150
_cell.length_c   60.530
_cell.angle_alpha   90.00
_cell.angle_beta   90.00
_cell.angle_gamma   90.00
#
_symmetry.space_group_name_H-M   'P 21 21 2'
#
loop_
_entity.id
_entity.type
_entity.pdbx_description
1 polymer 'Complement component C6'
2 branched 2-acetamido-2-deoxy-beta-D-glucopyranose-(1-4)-2-acetamido-2-deoxy-beta-D-glucopyranose
3 branched beta-D-glucopyranose-(1-3)-alpha-L-fucopyranose
4 non-polymer 'CADMIUM ION'
5 non-polymer beta-L-fucopyranose
6 non-polymer alpha-D-mannopyranose
#
_entity_poly.entity_id   1
_entity_poly.type   'polypeptide(L)'
_entity_poly.pdbx_seq_one_letter_code
;CFCDHYAWTQWTSCSKTCNSGTQSRHRQIVVDKYYQENFCEQICSKQETRECNWQRCPINCLLGDFGPWSDCDPCIEKQS
KVRSVLRPSQFGGQPCTAPLVAFQPCIPSKLCKIEEADCKNKFRCDSGRCIARKLECNGENDCGDNSDERDCGRTKAVCT
RKYNPIPSVQLMGNGFHFLAGEPRGEVLDNSFTGGICKTVKSSRTSNPYRVPANLENVGFEVQTAEDDLKTDFYKDLTSL
GHNENQQGSFSSQGGSSFSVPIFYSSKRSENINHNSAFKQAIQASHKKDSSFIRIHKVMKVLNFTTKAKDLHLSDVFLKA
LNHLPLEYNSALYSRIFDDFGTHYFTSGSLGGVYDLLYQFSSEELKNSGLTEEEAKHCVRIETKKRVLFAKKTKVEHRCT
TNKLSEKHEGSFIQGAEKSISLIRGGRSEYGAALAWEKGSSGLEEKTFSEWLESVKENPAVIDFELAPIVDLVRNIPCAV
TKRNNLRKALQEYAAKFDPCQCAPCPNNGRPTLSGTECLCVCQSGTYGENCEKQSPDYKSNAVDGQWGCWSSWSTCDATY
KRSRTRECNNPAPQRGGKRCEGEKRQEEDCTFSIMENNGQPCINDDEEMKEVDLPEIEADSGCPQPVPPENGFIRNEKQL
YLVGEDVEISCLTGFETVGYQYFRCLPDGTWRQGDVECQRTECIKPVVQEVLTITPFQRLYRIGESIELTCPKGFVVAGP
SRYTCQGNSWTPPISNSLTCEKDTLTKLKGHCQLGQKQSGSECICMSPEEDCSHHSEDLCVFDTDSNDYFTSPACKFLAE
KCLNNQQLHFLHIGSCQDGRQLEWGLERTRLSSNSTKKESCGYDTCYDWEKCSASTSKCVCLLPPQCFKGGNQLYCVKMG
SSTSEKTLNICEVGTIRCANRKMEILHPGKCLA
;
_entity_poly.pdbx_strand_id   A
#
# COMPACT_ATOMS: atom_id res chain seq x y z
N CYS A 1 40.47 -63.53 -69.46
CA CYS A 1 41.41 -62.42 -69.32
C CYS A 1 41.75 -62.12 -67.86
N PHE A 2 42.99 -61.73 -67.60
CA PHE A 2 43.42 -61.35 -66.26
C PHE A 2 43.41 -59.84 -66.14
N CYS A 3 42.53 -59.32 -65.29
CA CYS A 3 42.33 -57.88 -65.31
C CYS A 3 43.44 -57.11 -64.63
N ASP A 4 44.10 -57.71 -63.64
CA ASP A 4 45.13 -57.00 -62.88
C ASP A 4 46.41 -56.78 -63.69
N HIS A 5 46.42 -57.30 -64.92
CA HIS A 5 47.45 -56.99 -65.93
C HIS A 5 47.48 -55.48 -66.19
N TYR A 6 46.30 -54.87 -66.11
CA TYR A 6 46.16 -53.44 -66.22
C TYR A 6 45.85 -52.89 -64.84
N ALA A 7 46.87 -52.44 -64.15
CA ALA A 7 46.77 -52.19 -62.71
C ALA A 7 46.10 -50.88 -62.37
N TRP A 8 45.55 -50.84 -61.16
CA TRP A 8 44.86 -49.65 -60.69
C TRP A 8 45.81 -48.47 -60.59
N THR A 9 45.30 -47.30 -60.98
CA THR A 9 45.89 -46.03 -60.58
C THR A 9 45.77 -45.86 -59.08
N GLN A 10 46.42 -44.85 -58.53
CA GLN A 10 46.19 -44.50 -57.13
C GLN A 10 44.81 -43.90 -56.92
N TRP A 11 44.21 -44.15 -55.76
CA TRP A 11 42.98 -43.41 -55.45
C TRP A 11 43.23 -41.92 -55.59
N THR A 12 42.32 -41.18 -56.20
CA THR A 12 42.53 -39.74 -56.19
C THR A 12 42.37 -39.19 -54.78
N SER A 13 42.68 -37.92 -54.62
CA SER A 13 42.34 -37.33 -53.33
C SER A 13 40.84 -37.23 -53.14
N CYS A 14 40.43 -37.29 -51.87
CA CYS A 14 39.04 -37.18 -51.52
C CYS A 14 38.58 -35.83 -52.00
N SER A 15 37.43 -35.80 -52.64
CA SER A 15 36.87 -34.58 -53.17
C SER A 15 36.54 -33.63 -52.03
N LYS A 16 36.43 -34.16 -50.83
CA LYS A 16 36.25 -33.27 -49.70
C LYS A 16 37.12 -33.70 -48.54
N THR A 17 37.38 -32.79 -47.60
CA THR A 17 38.04 -33.16 -46.38
C THR A 17 37.11 -33.45 -45.23
N CYS A 18 35.81 -33.25 -45.43
CA CYS A 18 34.80 -33.59 -44.43
C CYS A 18 33.42 -33.51 -45.02
N ASN A 19 32.42 -33.91 -44.23
CA ASN A 19 31.08 -34.05 -44.76
C ASN A 19 31.01 -34.90 -45.98
N SER A 20 32.00 -35.75 -46.16
CA SER A 20 31.77 -36.91 -46.98
C SER A 20 31.86 -36.65 -48.50
N GLY A 21 33.06 -36.86 -49.01
CA GLY A 21 33.36 -36.73 -50.41
C GLY A 21 33.44 -38.07 -51.08
N THR A 22 34.05 -38.10 -52.25
CA THR A 22 34.27 -39.35 -52.96
C THR A 22 35.70 -39.40 -53.43
N GLN A 23 36.11 -40.57 -53.85
CA GLN A 23 37.38 -40.74 -54.51
C GLN A 23 37.31 -41.91 -55.44
N SER A 24 38.21 -41.93 -56.40
CA SER A 24 38.12 -42.96 -57.41
C SER A 24 39.48 -43.42 -57.80
N ARG A 25 39.49 -44.60 -58.40
CA ARG A 25 40.66 -45.17 -59.07
C ARG A 25 40.22 -46.04 -60.27
N HIS A 26 41.08 -46.19 -61.28
CA HIS A 26 40.76 -47.02 -62.49
C HIS A 26 41.93 -47.82 -63.04
N ARG A 27 41.63 -48.96 -63.63
CA ARG A 27 42.65 -49.74 -64.31
C ARG A 27 43.43 -48.92 -65.32
N GLN A 28 44.74 -49.12 -65.37
CA GLN A 28 45.55 -48.45 -66.37
C GLN A 28 45.56 -49.23 -67.67
N ILE A 29 44.58 -48.94 -68.51
CA ILE A 29 44.39 -49.75 -69.71
C ILE A 29 45.14 -49.26 -70.97
N VAL A 30 46.01 -50.10 -71.50
CA VAL A 30 46.53 -49.86 -72.84
C VAL A 30 45.93 -50.87 -73.83
N VAL A 31 45.36 -50.39 -74.93
CA VAL A 31 44.70 -51.32 -75.85
C VAL A 31 45.77 -52.01 -76.67
N ASP A 32 46.50 -52.94 -76.05
CA ASP A 32 47.58 -53.63 -76.75
C ASP A 32 47.08 -54.91 -77.39
N LYS A 33 47.98 -55.77 -77.83
CA LYS A 33 47.54 -56.97 -78.52
C LYS A 33 46.77 -57.83 -77.52
N TYR A 34 47.34 -57.99 -76.32
CA TYR A 34 46.74 -58.84 -75.30
C TYR A 34 45.32 -58.40 -74.96
N TYR A 35 45.15 -57.09 -74.83
CA TYR A 35 43.86 -56.51 -74.53
C TYR A 35 42.75 -56.93 -75.49
N GLN A 36 42.93 -56.64 -76.78
CA GLN A 36 41.88 -56.86 -77.77
C GLN A 36 41.60 -58.33 -77.97
N GLU A 37 42.61 -59.16 -77.70
CA GLU A 37 42.50 -60.58 -78.00
C GLU A 37 41.92 -61.41 -76.88
N ASN A 38 41.98 -60.91 -75.67
CA ASN A 38 41.50 -61.71 -74.56
C ASN A 38 40.19 -61.22 -73.99
N PHE A 39 39.48 -60.45 -74.82
CA PHE A 39 38.18 -59.91 -74.46
C PHE A 39 38.21 -59.21 -73.11
N CYS A 40 39.34 -58.55 -72.84
CA CYS A 40 39.51 -57.85 -71.60
C CYS A 40 38.46 -56.76 -71.45
N GLU A 41 37.97 -56.24 -72.57
CA GLU A 41 37.01 -55.14 -72.50
C GLU A 41 35.68 -55.65 -72.02
N GLN A 42 35.36 -56.89 -72.35
CA GLN A 42 34.05 -57.41 -71.98
C GLN A 42 34.01 -57.90 -70.55
N ILE A 43 35.10 -58.47 -70.04
CA ILE A 43 35.02 -59.08 -68.73
C ILE A 43 35.57 -58.33 -67.51
N CYS A 44 36.28 -57.22 -67.69
CA CYS A 44 36.91 -56.53 -66.54
C CYS A 44 36.17 -55.29 -66.04
N SER A 45 35.92 -55.22 -64.73
CA SER A 45 35.50 -53.94 -64.19
C SER A 45 36.72 -53.06 -64.37
N LYS A 46 36.52 -51.76 -64.58
CA LYS A 46 37.63 -50.86 -64.89
C LYS A 46 37.75 -49.65 -63.94
N GLN A 47 36.92 -49.63 -62.91
CA GLN A 47 36.92 -48.49 -62.03
C GLN A 47 36.32 -48.82 -60.66
N GLU A 48 36.70 -48.01 -59.68
CA GLU A 48 36.20 -48.12 -58.32
C GLU A 48 35.94 -46.72 -57.71
N THR A 49 34.78 -46.57 -57.12
CA THR A 49 34.48 -45.38 -56.39
C THR A 49 34.15 -45.73 -54.94
N ARG A 50 34.45 -44.82 -54.04
CA ARG A 50 34.10 -45.05 -52.67
C ARG A 50 33.98 -43.72 -52.03
N GLU A 51 33.26 -43.65 -50.91
CA GLU A 51 33.08 -42.40 -50.17
C GLU A 51 34.27 -42.28 -49.25
N CYS A 52 34.46 -41.07 -48.71
CA CYS A 52 35.62 -40.83 -47.88
C CYS A 52 35.46 -39.58 -47.02
N ASN A 53 36.34 -39.44 -46.04
CA ASN A 53 36.11 -38.43 -45.00
C ASN A 53 34.64 -38.17 -44.68
N TRP A 54 33.88 -39.17 -44.23
CA TRP A 54 32.47 -38.85 -43.92
C TRP A 54 32.21 -38.26 -42.55
N GLN A 55 33.28 -38.01 -41.80
CA GLN A 55 33.14 -37.24 -40.57
C GLN A 55 32.52 -35.85 -40.80
N ARG A 56 31.78 -35.37 -39.82
CA ARG A 56 31.11 -34.09 -40.00
C ARG A 56 32.14 -32.96 -39.96
N CYS A 57 31.96 -31.96 -40.81
CA CYS A 57 32.76 -30.76 -40.67
C CYS A 57 32.16 -30.00 -39.53
N PRO A 58 32.97 -29.78 -38.48
CA PRO A 58 32.80 -28.88 -37.33
C PRO A 58 32.22 -27.56 -37.76
N ILE A 59 31.24 -27.05 -37.00
CA ILE A 59 30.62 -25.77 -37.28
C ILE A 59 30.88 -24.85 -36.10
N ASN A 60 31.40 -23.66 -36.37
CA ASN A 60 31.73 -22.72 -35.29
C ASN A 60 30.65 -21.71 -35.00
N CYS A 61 30.52 -21.35 -33.72
CA CYS A 61 29.54 -20.36 -33.27
C CYS A 61 29.68 -19.13 -34.14
N LEU A 62 28.55 -18.57 -34.56
CA LEU A 62 28.59 -17.33 -35.31
C LEU A 62 27.63 -16.32 -34.72
N LEU A 63 28.18 -15.27 -34.12
CA LEU A 63 27.39 -14.14 -33.61
C LEU A 63 27.20 -13.12 -34.73
N GLY A 64 26.45 -12.07 -34.45
CA GLY A 64 26.23 -11.03 -35.42
C GLY A 64 26.64 -9.64 -34.95
N ASP A 65 26.65 -8.69 -35.88
CA ASP A 65 26.86 -7.29 -35.56
C ASP A 65 25.92 -6.94 -34.42
N PHE A 66 26.23 -5.88 -33.68
CA PHE A 66 25.38 -5.45 -32.58
C PHE A 66 24.19 -4.63 -33.07
N GLY A 67 23.20 -4.44 -32.19
CA GLY A 67 22.08 -3.59 -32.48
C GLY A 67 22.36 -2.16 -32.08
N PRO A 68 21.36 -1.27 -32.26
CA PRO A 68 21.48 0.14 -31.90
C PRO A 68 21.54 0.32 -30.37
N TRP A 69 22.45 1.17 -29.91
CA TRP A 69 22.59 1.44 -28.47
C TRP A 69 21.24 1.65 -27.77
N SER A 70 21.18 1.27 -26.50
CA SER A 70 19.94 1.35 -25.73
C SER A 70 19.97 2.47 -24.69
N ASP A 71 19.00 3.38 -24.76
CA ASP A 71 18.93 4.48 -23.81
C ASP A 71 18.85 3.96 -22.38
N CYS A 72 19.20 4.80 -21.42
CA CYS A 72 19.20 4.42 -20.02
C CYS A 72 18.52 5.46 -19.14
N ASP A 73 17.68 5.01 -18.22
CA ASP A 73 17.14 5.88 -17.18
C ASP A 73 16.97 5.15 -15.84
N PRO A 74 17.82 4.14 -15.57
CA PRO A 74 17.79 3.62 -14.20
C PRO A 74 18.70 4.48 -13.32
N CYS A 75 18.71 4.22 -12.02
CA CYS A 75 19.67 4.88 -11.13
C CYS A 75 21.07 4.33 -11.39
N ILE A 76 21.16 3.41 -12.35
CA ILE A 76 22.43 2.93 -12.88
C ILE A 76 22.54 3.46 -14.31
N GLU A 77 23.43 4.42 -14.54
CA GLU A 77 23.55 5.03 -15.85
C GLU A 77 24.44 4.21 -16.78
N LYS A 78 23.97 3.02 -17.14
CA LYS A 78 24.68 2.15 -18.08
C LYS A 78 23.85 1.91 -19.35
N GLN A 79 24.53 1.62 -20.46
CA GLN A 79 23.88 1.44 -21.76
C GLN A 79 23.92 -0.03 -22.22
N SER A 80 22.75 -0.62 -22.45
CA SER A 80 22.70 -2.00 -22.92
C SER A 80 22.81 -2.07 -24.45
N LYS A 81 23.51 -3.09 -24.94
CA LYS A 81 23.69 -3.31 -26.38
C LYS A 81 23.72 -4.81 -26.69
N VAL A 82 22.97 -5.24 -27.69
CA VAL A 82 22.81 -6.67 -27.97
C VAL A 82 23.19 -7.10 -29.39
N ARG A 83 23.78 -8.29 -29.49
CA ARG A 83 23.98 -9.00 -30.76
C ARG A 83 23.46 -10.40 -30.55
N SER A 84 23.16 -11.11 -31.62
CA SER A 84 22.63 -12.45 -31.42
C SER A 84 23.39 -13.55 -32.17
N VAL A 85 23.15 -14.79 -31.75
CA VAL A 85 23.81 -15.95 -32.32
C VAL A 85 23.19 -16.31 -33.64
N LEU A 86 23.89 -15.99 -34.72
CA LEU A 86 23.46 -16.43 -36.03
C LEU A 86 23.56 -17.95 -36.10
N ARG A 87 24.78 -18.48 -36.12
CA ARG A 87 24.96 -19.93 -36.19
C ARG A 87 25.51 -20.53 -34.89
N PRO A 88 24.81 -21.54 -34.36
CA PRO A 88 25.24 -22.21 -33.13
C PRO A 88 26.28 -23.29 -33.39
N SER A 89 27.24 -23.34 -32.46
CA SER A 89 28.36 -24.28 -32.49
C SER A 89 27.88 -25.73 -32.64
N GLN A 90 28.56 -26.50 -33.46
CA GLN A 90 28.18 -27.88 -33.64
C GLN A 90 29.33 -28.81 -34.05
N PHE A 91 29.13 -30.10 -33.86
CA PHE A 91 30.14 -31.10 -34.14
C PHE A 91 31.57 -30.71 -33.77
N GLY A 92 31.77 -30.08 -32.61
CA GLY A 92 33.12 -29.80 -32.18
C GLY A 92 33.64 -28.48 -32.69
N GLY A 93 32.77 -27.77 -33.41
CA GLY A 93 33.06 -26.40 -33.76
C GLY A 93 33.46 -25.58 -32.56
N GLN A 94 34.01 -24.39 -32.81
CA GLN A 94 34.37 -23.50 -31.73
C GLN A 94 33.10 -22.92 -31.12
N PRO A 95 32.96 -23.08 -29.80
CA PRO A 95 31.82 -22.55 -29.04
C PRO A 95 31.90 -21.03 -29.04
N CYS A 96 30.80 -20.34 -28.73
CA CYS A 96 30.79 -18.87 -28.65
C CYS A 96 30.99 -18.37 -27.21
N THR A 97 31.68 -17.25 -27.05
CA THR A 97 32.11 -16.85 -25.71
C THR A 97 32.13 -15.35 -25.42
N ALA A 98 32.23 -14.51 -26.45
CA ALA A 98 32.18 -13.06 -26.26
C ALA A 98 30.74 -12.62 -25.98
N PRO A 99 30.40 -12.36 -24.70
CA PRO A 99 29.02 -12.26 -24.20
C PRO A 99 28.05 -11.49 -25.13
N LEU A 100 26.79 -11.88 -25.10
CA LEU A 100 25.80 -11.40 -26.07
C LEU A 100 25.48 -9.92 -25.96
N VAL A 101 25.33 -9.43 -24.74
CA VAL A 101 24.93 -8.04 -24.52
C VAL A 101 25.91 -7.31 -23.61
N ALA A 102 26.48 -6.22 -24.10
CA ALA A 102 27.50 -5.46 -23.37
C ALA A 102 27.02 -4.05 -23.05
N PHE A 103 27.14 -3.66 -21.78
CA PHE A 103 26.78 -2.31 -21.36
C PHE A 103 27.97 -1.45 -20.93
N GLN A 104 27.81 -0.14 -21.05
CA GLN A 104 28.88 0.81 -20.75
C GLN A 104 28.32 1.97 -19.90
N PRO A 105 29.17 2.95 -19.55
CA PRO A 105 28.65 4.16 -18.89
C PRO A 105 27.80 5.00 -19.85
N CYS A 106 26.83 5.75 -19.32
CA CYS A 106 25.82 6.44 -20.15
C CYS A 106 25.66 7.94 -19.87
N ILE A 107 24.95 8.63 -20.77
CA ILE A 107 24.54 10.02 -20.57
C ILE A 107 23.02 10.09 -20.39
N PRO A 108 22.55 10.52 -19.20
CA PRO A 108 21.12 10.46 -18.89
C PRO A 108 20.29 11.52 -19.61
N SER A 109 19.20 11.10 -20.25
CA SER A 109 18.26 12.03 -20.87
C SER A 109 17.53 12.82 -19.79
N LYS A 110 17.36 12.17 -18.63
CA LYS A 110 16.70 12.78 -17.47
C LYS A 110 17.32 12.27 -16.16
N LEU A 111 17.54 13.17 -15.19
CA LEU A 111 18.17 12.81 -13.92
C LEU A 111 17.40 11.70 -13.21
N CYS A 112 18.02 11.06 -12.23
CA CYS A 112 17.40 9.92 -11.52
C CYS A 112 15.92 10.16 -11.25
N LYS A 113 15.07 9.31 -11.82
CA LYS A 113 13.63 9.49 -11.73
C LYS A 113 12.94 8.38 -10.89
N ILE A 114 12.09 8.79 -9.97
CA ILE A 114 11.27 7.85 -9.22
C ILE A 114 9.80 8.28 -9.34
N GLU A 115 8.89 7.36 -9.05
CA GLU A 115 7.46 7.60 -9.21
C GLU A 115 6.75 7.69 -7.86
N GLU A 116 5.66 8.46 -7.81
CA GLU A 116 4.97 8.72 -6.54
C GLU A 116 3.44 8.58 -6.59
N ALA A 117 2.85 8.75 -7.76
CA ALA A 117 1.38 8.71 -7.89
C ALA A 117 0.82 7.29 -7.96
N ASP A 118 0.19 6.84 -6.88
CA ASP A 118 -0.38 5.48 -6.81
C ASP A 118 -1.69 5.34 -6.03
N CYS A 119 -1.70 5.78 -4.77
CA CYS A 119 -2.79 5.43 -3.84
C CYS A 119 -3.78 6.55 -3.55
N LYS A 120 -5.06 6.32 -3.87
CA LYS A 120 -6.09 7.28 -3.55
C LYS A 120 -6.64 7.01 -2.16
N ASN A 121 -7.78 6.35 -2.07
CA ASN A 121 -8.32 5.96 -0.76
C ASN A 121 -7.65 4.70 -0.19
N LYS A 122 -6.60 4.24 -0.85
CA LYS A 122 -5.78 3.12 -0.35
C LYS A 122 -4.79 3.63 0.69
N PHE A 123 -4.24 2.72 1.49
CA PHE A 123 -3.23 3.08 2.49
C PHE A 123 -1.83 2.84 1.94
N ARG A 124 -0.89 3.69 2.32
CA ARG A 124 0.47 3.60 1.82
C ARG A 124 1.45 3.14 2.90
N CYS A 125 1.94 1.92 2.72
CA CYS A 125 2.95 1.35 3.58
C CYS A 125 4.16 2.18 3.28
N ASP A 126 5.03 2.44 4.26
CA ASP A 126 6.16 3.30 3.96
C ASP A 126 7.17 2.64 3.02
N SER A 127 6.96 1.35 2.75
CA SER A 127 7.69 0.63 1.72
C SER A 127 7.21 1.07 0.34
N GLY A 128 6.09 1.77 0.32
CA GLY A 128 5.49 2.22 -0.92
C GLY A 128 4.32 1.36 -1.34
N ARG A 129 4.29 0.12 -0.87
CA ARG A 129 3.19 -0.77 -1.22
C ARG A 129 1.87 -0.10 -0.85
N CYS A 130 0.88 -0.27 -1.71
CA CYS A 130 -0.41 0.38 -1.53
C CYS A 130 -1.52 -0.65 -1.26
N ILE A 131 -2.03 -0.68 -0.03
CA ILE A 131 -3.03 -1.66 0.39
C ILE A 131 -4.32 -1.03 0.91
N ALA A 132 -5.39 -1.83 0.92
CA ALA A 132 -6.73 -1.36 1.33
C ALA A 132 -6.77 -0.86 2.77
N ARG A 133 -7.15 0.40 2.99
CA ARG A 133 -7.26 0.95 4.36
C ARG A 133 -7.95 -0.06 5.29
N LYS A 134 -8.91 -0.79 4.76
CA LYS A 134 -9.56 -1.82 5.57
C LYS A 134 -8.52 -2.65 6.33
N LEU A 135 -7.37 -2.92 5.68
CA LEU A 135 -6.33 -3.82 6.17
C LEU A 135 -5.41 -3.21 7.23
N GLU A 136 -5.79 -2.04 7.73
CA GLU A 136 -5.03 -1.27 8.70
C GLU A 136 -5.51 -1.57 10.13
N CYS A 137 -4.65 -1.36 11.11
CA CYS A 137 -4.96 -1.71 12.50
C CYS A 137 -5.91 -2.92 12.65
N ASN A 138 -5.47 -4.06 12.11
CA ASN A 138 -6.19 -5.34 12.16
C ASN A 138 -5.34 -6.52 12.66
N GLY A 139 -4.31 -6.23 13.44
CA GLY A 139 -3.47 -7.26 14.04
C GLY A 139 -2.63 -8.11 13.08
N GLU A 140 -2.24 -7.56 11.94
CA GLU A 140 -1.53 -8.36 10.96
C GLU A 140 -0.67 -7.52 10.01
N ASN A 141 0.60 -7.87 9.91
CA ASN A 141 1.47 -7.24 8.95
C ASN A 141 1.06 -7.38 7.49
N ASP A 142 0.27 -6.44 6.97
CA ASP A 142 -0.22 -6.57 5.63
C ASP A 142 0.66 -5.80 4.70
N CYS A 143 1.41 -4.89 5.27
CA CYS A 143 2.33 -4.08 4.49
C CYS A 143 3.57 -4.84 4.08
N GLY A 144 4.12 -5.58 5.03
CA GLY A 144 5.43 -6.15 4.91
C GLY A 144 6.28 -5.54 6.00
N ASP A 145 6.49 -4.24 5.92
CA ASP A 145 7.26 -3.55 6.93
C ASP A 145 6.44 -3.39 8.19
N ASN A 146 5.26 -4.01 8.23
CA ASN A 146 4.34 -3.80 9.35
C ASN A 146 3.98 -2.31 9.61
N SER A 147 4.26 -1.43 8.66
CA SER A 147 3.93 -0.02 8.83
C SER A 147 2.44 0.17 9.01
N ASP A 148 1.64 -0.67 8.33
CA ASP A 148 0.17 -0.56 8.34
C ASP A 148 -0.37 -0.87 9.73
N GLU A 149 0.53 -0.98 10.69
CA GLU A 149 0.11 -1.39 12.01
C GLU A 149 0.84 -0.63 13.10
N ARG A 150 1.76 0.24 12.71
CA ARG A 150 2.66 0.90 13.67
C ARG A 150 2.02 1.26 15.00
N ASP A 151 1.40 2.43 15.09
CA ASP A 151 0.95 2.85 16.43
C ASP A 151 -0.55 2.63 16.73
N CYS A 152 -1.09 1.54 16.19
CA CYS A 152 -2.54 1.35 16.23
C CYS A 152 -3.10 1.33 17.67
N GLY A 153 -4.01 2.26 17.96
CA GLY A 153 -4.61 2.38 19.28
C GLY A 153 -5.54 1.24 19.69
N ARG A 154 -6.30 0.71 18.73
CA ARG A 154 -7.13 -0.47 18.94
C ARG A 154 -7.21 -1.12 17.57
N THR A 155 -7.55 -2.40 17.54
CA THR A 155 -7.53 -3.12 16.26
C THR A 155 -8.71 -4.05 16.09
N LYS A 156 -9.12 -4.28 14.85
CA LYS A 156 -10.19 -5.23 14.57
C LYS A 156 -9.61 -6.54 14.08
N ALA A 157 -9.44 -7.50 15.00
CA ALA A 157 -8.79 -8.78 14.69
C ALA A 157 -9.38 -9.53 13.48
N VAL A 158 -8.55 -9.94 12.53
CA VAL A 158 -9.08 -10.70 11.40
C VAL A 158 -9.34 -12.13 11.83
N CYS A 159 -8.51 -12.61 12.75
CA CYS A 159 -8.52 -14.01 13.11
C CYS A 159 -8.66 -14.17 14.61
N THR A 160 -9.53 -15.08 15.03
CA THR A 160 -9.81 -15.28 16.44
C THR A 160 -8.57 -15.68 17.23
N ARG A 161 -7.67 -16.41 16.59
CA ARG A 161 -6.50 -16.96 17.27
C ARG A 161 -5.27 -16.95 16.35
N LYS A 162 -4.06 -16.97 16.92
CA LYS A 162 -2.87 -17.02 16.06
C LYS A 162 -2.67 -18.39 15.39
N TYR A 163 -2.90 -18.42 14.07
CA TYR A 163 -2.63 -19.62 13.28
C TYR A 163 -1.32 -19.46 12.52
N ASN A 164 -0.57 -20.55 12.38
CA ASN A 164 0.74 -20.51 11.73
C ASN A 164 0.68 -20.68 10.22
N PRO A 165 1.73 -20.23 9.50
CA PRO A 165 1.71 -20.28 8.04
C PRO A 165 2.22 -21.61 7.53
N ILE A 166 1.70 -22.06 6.41
CA ILE A 166 2.24 -23.24 5.78
C ILE A 166 3.72 -22.98 5.50
N PRO A 167 4.60 -23.85 6.03
CA PRO A 167 6.02 -23.58 5.78
C PRO A 167 6.41 -23.90 4.33
N SER A 168 7.17 -22.99 3.73
CA SER A 168 7.57 -23.06 2.32
C SER A 168 6.44 -22.70 1.36
N VAL A 169 5.40 -22.07 1.87
CA VAL A 169 4.29 -21.64 1.04
C VAL A 169 4.75 -20.68 -0.05
N GLN A 170 5.90 -20.05 0.14
CA GLN A 170 6.32 -19.09 -0.87
C GLN A 170 6.77 -19.78 -2.15
N LEU A 171 7.24 -21.02 -2.00
CA LEU A 171 7.81 -21.74 -3.13
C LEU A 171 6.77 -22.00 -4.19
N MET A 172 5.51 -21.99 -3.78
CA MET A 172 4.44 -22.23 -4.73
C MET A 172 4.06 -20.93 -5.38
N GLY A 173 4.81 -19.90 -5.06
CA GLY A 173 4.49 -18.58 -5.55
C GLY A 173 5.62 -18.04 -6.36
N ASN A 174 6.68 -18.83 -6.47
CA ASN A 174 7.80 -18.38 -7.27
C ASN A 174 7.58 -18.72 -8.75
N GLY A 175 8.31 -18.04 -9.63
CA GLY A 175 8.15 -18.24 -11.06
C GLY A 175 8.77 -19.53 -11.59
N PHE A 176 8.29 -20.00 -12.72
CA PHE A 176 8.90 -21.17 -13.32
C PHE A 176 9.40 -20.94 -14.75
N HIS A 177 10.71 -21.05 -14.92
CA HIS A 177 11.33 -21.01 -16.24
C HIS A 177 11.21 -22.38 -16.91
N PHE A 178 10.29 -22.51 -17.85
CA PHE A 178 10.04 -23.78 -18.52
C PHE A 178 11.29 -24.33 -19.19
N LEU A 179 11.83 -23.57 -20.13
CA LEU A 179 12.99 -24.01 -20.92
C LEU A 179 14.17 -24.54 -20.07
N ALA A 180 14.43 -23.93 -18.92
CA ALA A 180 15.57 -24.28 -18.09
C ALA A 180 15.22 -25.22 -16.94
N GLY A 181 13.93 -25.48 -16.77
CA GLY A 181 13.44 -26.37 -15.73
C GLY A 181 13.89 -25.99 -14.33
N GLU A 182 13.87 -24.71 -14.03
CA GLU A 182 14.27 -24.24 -12.72
C GLU A 182 13.36 -23.09 -12.28
N PRO A 183 13.02 -23.04 -10.99
CA PRO A 183 12.23 -21.93 -10.43
C PRO A 183 13.07 -20.67 -10.32
N ARG A 184 12.43 -19.51 -10.51
CA ARG A 184 13.13 -18.23 -10.48
C ARG A 184 12.75 -17.32 -9.30
N GLY A 185 12.52 -16.04 -9.58
CA GLY A 185 12.21 -15.09 -8.54
C GLY A 185 10.81 -15.22 -7.97
N GLU A 186 10.62 -14.68 -6.75
CA GLU A 186 9.30 -14.62 -6.10
C GLU A 186 8.40 -13.82 -6.99
N VAL A 187 7.25 -14.38 -7.33
CA VAL A 187 6.39 -13.71 -8.30
C VAL A 187 5.00 -13.40 -7.72
N LEU A 188 4.47 -14.32 -6.92
CA LEU A 188 3.25 -14.08 -6.15
C LEU A 188 3.59 -13.79 -4.68
N ASP A 189 2.88 -12.86 -4.06
CA ASP A 189 2.99 -12.75 -2.61
C ASP A 189 2.04 -13.76 -2.00
N ASN A 190 2.58 -14.72 -1.26
CA ASN A 190 1.72 -15.74 -0.67
C ASN A 190 1.70 -15.67 0.83
N SER A 191 2.12 -14.53 1.36
CA SER A 191 1.94 -14.29 2.77
C SER A 191 0.75 -13.33 2.89
N PHE A 192 0.55 -12.51 1.85
CA PHE A 192 -0.58 -11.60 1.82
C PHE A 192 -1.86 -12.35 2.09
N THR A 193 -2.67 -11.81 2.97
CA THR A 193 -3.76 -12.58 3.49
C THR A 193 -5.09 -11.80 3.47
N GLY A 194 -5.09 -10.60 2.92
CA GLY A 194 -6.34 -9.89 2.62
C GLY A 194 -7.25 -9.52 3.79
N GLY A 195 -6.86 -9.86 5.01
CA GLY A 195 -7.71 -9.63 6.17
C GLY A 195 -8.68 -10.78 6.36
N ILE A 196 -9.05 -11.41 5.24
CA ILE A 196 -9.90 -12.60 5.22
C ILE A 196 -9.20 -13.77 5.92
N CYS A 197 -9.89 -14.47 6.81
CA CYS A 197 -9.19 -15.51 7.56
C CYS A 197 -9.60 -16.92 7.15
N LYS A 198 -9.11 -17.34 5.98
CA LYS A 198 -9.26 -18.73 5.54
C LYS A 198 -8.19 -19.59 6.20
N THR A 199 -8.58 -20.79 6.60
CA THR A 199 -7.69 -21.67 7.35
C THR A 199 -7.82 -23.08 6.79
N VAL A 200 -6.96 -23.99 7.25
CA VAL A 200 -7.02 -25.37 6.79
C VAL A 200 -6.23 -26.31 7.70
N LYS A 201 -6.76 -27.52 7.92
CA LYS A 201 -6.28 -28.40 8.99
C LYS A 201 -5.44 -29.59 8.56
N SER A 202 -4.19 -29.59 9.04
CA SER A 202 -3.26 -30.68 8.86
C SER A 202 -3.87 -31.95 9.44
N SER A 203 -3.63 -33.09 8.80
CA SER A 203 -4.01 -34.35 9.41
C SER A 203 -3.12 -34.58 10.61
N ARG A 204 -3.71 -34.96 11.74
CA ARG A 204 -2.95 -35.30 12.94
C ARG A 204 -1.77 -34.35 13.25
N THR A 205 -1.99 -33.05 13.17
CA THR A 205 -0.94 -32.14 13.59
C THR A 205 -1.42 -30.86 14.30
N SER A 206 -2.14 -31.03 15.39
CA SER A 206 -2.56 -29.88 16.19
C SER A 206 -3.34 -28.81 15.43
N ASN A 207 -2.88 -27.58 15.56
CA ASN A 207 -3.52 -26.38 15.01
C ASN A 207 -3.50 -26.23 13.51
N PRO A 208 -4.54 -25.62 12.98
CA PRO A 208 -4.70 -25.39 11.54
C PRO A 208 -3.63 -24.46 11.02
N TYR A 209 -3.27 -24.66 9.78
CA TYR A 209 -2.36 -23.76 9.13
C TYR A 209 -3.19 -22.66 8.48
N ARG A 210 -2.56 -21.49 8.26
CA ARG A 210 -3.24 -20.36 7.66
C ARG A 210 -3.03 -20.38 6.17
N VAL A 211 -4.12 -20.57 5.41
CA VAL A 211 -4.04 -20.51 3.95
C VAL A 211 -3.93 -19.07 3.52
N PRO A 212 -3.04 -18.80 2.56
CA PRO A 212 -2.98 -17.44 1.99
C PRO A 212 -4.07 -17.22 0.97
N ALA A 213 -4.23 -15.98 0.53
CA ALA A 213 -5.36 -15.61 -0.32
C ALA A 213 -5.28 -16.27 -1.71
N ASN A 214 -4.06 -16.50 -2.17
CA ASN A 214 -3.82 -16.97 -3.54
C ASN A 214 -4.06 -18.46 -3.68
N LEU A 215 -4.10 -19.17 -2.57
CA LEU A 215 -4.31 -20.60 -2.62
C LEU A 215 -5.80 -20.93 -2.47
N GLU A 216 -6.45 -21.32 -3.56
CA GLU A 216 -7.85 -21.70 -3.48
C GLU A 216 -8.01 -23.03 -2.75
N ASN A 217 -6.99 -23.87 -2.80
CA ASN A 217 -7.11 -25.20 -2.21
C ASN A 217 -5.79 -25.66 -1.70
N VAL A 218 -5.76 -26.12 -0.46
CA VAL A 218 -4.59 -26.81 0.07
C VAL A 218 -4.97 -28.19 0.61
N GLY A 219 -4.10 -29.18 0.40
CA GLY A 219 -4.36 -30.55 0.83
C GLY A 219 -3.23 -31.17 1.63
N PHE A 220 -3.60 -31.91 2.68
CA PHE A 220 -2.60 -32.53 3.54
C PHE A 220 -2.67 -34.06 3.56
N GLU A 221 -3.66 -34.62 2.89
CA GLU A 221 -3.81 -36.07 2.83
C GLU A 221 -2.85 -36.64 1.77
N VAL A 222 -2.02 -37.59 2.17
CA VAL A 222 -1.03 -38.12 1.24
C VAL A 222 -1.19 -39.62 0.99
N GLN A 223 -1.44 -39.96 -0.27
CA GLN A 223 -1.64 -41.35 -0.68
C GLN A 223 -0.34 -42.12 -0.84
N THR A 224 -0.36 -43.38 -0.42
CA THR A 224 0.76 -44.27 -0.67
C THR A 224 0.27 -45.53 -1.39
N ALA A 225 0.99 -45.90 -2.44
CA ALA A 225 0.63 -47.05 -3.25
C ALA A 225 1.80 -47.47 -4.14
N GLU A 226 1.69 -48.66 -4.71
CA GLU A 226 2.68 -49.11 -5.69
C GLU A 226 2.68 -48.11 -6.82
N ASP A 227 1.50 -47.86 -7.40
CA ASP A 227 1.34 -46.90 -8.49
C ASP A 227 2.35 -45.77 -8.37
N ASP A 228 2.60 -45.34 -7.14
CA ASP A 228 3.54 -44.27 -6.85
C ASP A 228 5.00 -44.50 -7.33
N LEU A 229 5.46 -45.75 -7.35
CA LEU A 229 6.81 -46.08 -7.82
C LEU A 229 6.76 -46.59 -9.25
N LYS A 230 7.03 -45.70 -10.20
CA LYS A 230 6.76 -45.96 -11.61
C LYS A 230 8.06 -46.11 -12.38
N THR A 231 8.07 -47.05 -13.33
CA THR A 231 9.21 -47.20 -14.21
C THR A 231 8.85 -47.15 -15.70
N ASP A 232 9.67 -46.44 -16.48
CA ASP A 232 9.53 -46.38 -17.94
C ASP A 232 10.80 -46.88 -18.63
N PHE A 233 10.63 -47.35 -19.87
CA PHE A 233 11.77 -47.78 -20.70
C PHE A 233 11.93 -46.93 -21.97
N TYR A 234 13.16 -46.53 -22.28
CA TYR A 234 13.44 -45.70 -23.45
C TYR A 234 14.49 -46.34 -24.37
N LYS A 235 14.09 -46.80 -25.57
CA LYS A 235 15.08 -47.41 -26.47
C LYS A 235 16.12 -46.34 -26.86
N ASP A 236 15.68 -45.07 -26.85
CA ASP A 236 16.55 -43.92 -27.04
C ASP A 236 15.87 -42.64 -26.59
N LEU A 237 16.62 -41.54 -26.54
CA LEU A 237 16.09 -40.30 -25.96
C LEU A 237 15.36 -39.43 -26.94
N THR A 238 15.26 -39.87 -28.19
CA THR A 238 14.58 -39.06 -29.21
C THR A 238 13.11 -39.02 -28.90
N SER A 239 12.68 -39.99 -28.09
CA SER A 239 11.28 -40.11 -27.67
C SER A 239 10.76 -38.87 -26.93
N LEU A 240 11.68 -38.12 -26.33
CA LEU A 240 11.34 -37.06 -25.37
C LEU A 240 10.59 -35.85 -25.91
N GLY A 241 10.47 -35.75 -27.24
CA GLY A 241 9.77 -34.65 -27.87
C GLY A 241 8.30 -34.55 -27.48
N HIS A 242 7.84 -35.50 -26.67
CA HIS A 242 6.44 -35.55 -26.23
C HIS A 242 5.50 -36.00 -27.35
N VAL A 260 7.22 -24.39 -29.27
CA VAL A 260 6.71 -23.33 -28.42
C VAL A 260 6.23 -23.90 -27.08
N PRO A 261 6.75 -23.34 -25.96
CA PRO A 261 6.32 -23.74 -24.62
C PRO A 261 4.88 -23.34 -24.35
N ILE A 262 4.08 -24.30 -23.88
CA ILE A 262 2.68 -24.03 -23.59
C ILE A 262 2.35 -24.57 -22.21
N PHE A 263 1.35 -23.98 -21.56
CA PHE A 263 0.91 -24.41 -20.22
C PHE A 263 0.49 -25.88 -20.17
N TYR A 264 1.20 -26.67 -19.37
CA TYR A 264 1.00 -28.13 -19.32
C TYR A 264 0.87 -28.68 -17.90
N SER A 265 0.86 -30.02 -17.79
CA SER A 265 0.87 -30.70 -16.50
C SER A 265 2.03 -31.69 -16.46
N SER A 266 2.68 -31.82 -15.30
CA SER A 266 3.83 -32.72 -15.18
C SER A 266 3.42 -34.16 -14.88
N LYS A 267 2.11 -34.40 -14.86
CA LYS A 267 1.55 -35.75 -14.82
C LYS A 267 1.38 -36.30 -16.25
N ARG A 268 1.08 -35.39 -17.19
CA ARG A 268 0.87 -35.73 -18.60
C ARG A 268 2.20 -35.82 -19.39
N SER A 269 2.98 -34.73 -19.34
CA SER A 269 4.26 -34.68 -20.05
C SER A 269 5.17 -35.85 -19.68
N GLU A 270 5.58 -35.90 -18.41
CA GLU A 270 6.54 -36.90 -17.95
C GLU A 270 7.80 -36.89 -18.82
N ASN A 271 8.18 -35.70 -19.28
CA ASN A 271 9.38 -35.50 -20.08
C ASN A 271 10.18 -34.33 -19.53
N ILE A 272 11.16 -34.61 -18.67
CA ILE A 272 11.82 -33.54 -17.92
C ILE A 272 13.12 -33.00 -18.54
N ASN A 273 13.21 -31.66 -18.63
CA ASN A 273 14.44 -30.91 -18.91
C ASN A 273 15.08 -30.53 -17.60
N HIS A 274 16.35 -30.83 -17.43
CA HIS A 274 17.03 -30.35 -16.24
C HIS A 274 18.43 -29.88 -16.67
N ASN A 275 18.76 -28.64 -16.32
CA ASN A 275 19.87 -27.91 -16.91
C ASN A 275 21.04 -28.80 -17.34
N SER A 276 21.28 -29.85 -16.57
CA SER A 276 22.40 -30.72 -16.82
C SER A 276 21.87 -32.08 -17.12
N ALA A 277 20.70 -32.37 -16.58
CA ALA A 277 20.18 -33.73 -16.57
C ALA A 277 20.17 -34.35 -17.94
N PHE A 278 19.35 -33.79 -18.81
CA PHE A 278 19.28 -34.26 -20.20
C PHE A 278 20.67 -34.31 -20.84
N LYS A 279 21.36 -33.18 -20.84
CA LYS A 279 22.69 -33.07 -21.46
C LYS A 279 23.65 -34.17 -21.03
N GLN A 280 23.63 -34.55 -19.76
CA GLN A 280 24.47 -35.63 -19.26
C GLN A 280 24.13 -36.95 -19.95
N ALA A 281 22.83 -37.10 -20.21
CA ALA A 281 22.26 -38.35 -20.69
C ALA A 281 22.47 -38.48 -22.19
N ILE A 282 22.33 -37.35 -22.88
CA ILE A 282 22.68 -37.29 -24.26
C ILE A 282 24.16 -37.59 -24.41
N GLN A 283 24.98 -37.00 -23.53
CA GLN A 283 26.43 -37.22 -23.58
C GLN A 283 26.80 -38.66 -23.26
N ALA A 284 26.13 -39.22 -22.27
CA ALA A 284 26.24 -40.64 -22.02
C ALA A 284 25.86 -41.48 -23.24
N SER A 285 24.82 -41.06 -23.97
CA SER A 285 24.26 -41.87 -25.06
C SER A 285 25.23 -42.04 -26.20
N HIS A 286 26.14 -41.08 -26.33
CA HIS A 286 27.22 -41.10 -27.32
C HIS A 286 28.31 -42.10 -27.05
N LYS A 287 28.50 -42.48 -25.80
CA LYS A 287 29.62 -43.35 -25.48
C LYS A 287 29.39 -44.75 -26.03
N LYS A 288 28.14 -45.07 -26.33
CA LYS A 288 27.80 -46.40 -26.84
C LYS A 288 26.31 -46.61 -26.98
N ASP A 289 25.92 -47.56 -27.83
CA ASP A 289 24.51 -47.81 -28.10
C ASP A 289 23.80 -48.03 -26.78
N SER A 290 22.95 -47.07 -26.43
CA SER A 290 22.33 -47.00 -25.11
C SER A 290 20.81 -47.12 -25.11
N SER A 291 20.29 -47.75 -24.07
CA SER A 291 18.87 -47.78 -23.79
C SER A 291 18.78 -47.28 -22.40
N PHE A 292 17.60 -46.78 -22.02
CA PHE A 292 17.42 -46.09 -20.74
C PHE A 292 16.23 -46.58 -19.95
N ILE A 293 16.43 -46.84 -18.68
CA ILE A 293 15.31 -47.21 -17.84
C ILE A 293 15.15 -46.21 -16.73
N ARG A 294 13.97 -45.63 -16.65
CA ARG A 294 13.75 -44.56 -15.71
C ARG A 294 12.88 -45.10 -14.57
N ILE A 295 13.05 -44.55 -13.38
CA ILE A 295 12.32 -45.02 -12.21
C ILE A 295 12.18 -43.87 -11.23
N HIS A 296 10.94 -43.51 -10.93
CA HIS A 296 10.66 -42.35 -10.08
C HIS A 296 9.52 -42.66 -9.10
N LYS A 297 9.36 -41.78 -8.14
CA LYS A 297 8.39 -41.95 -7.05
C LYS A 297 8.23 -40.64 -6.32
N VAL A 298 7.04 -40.07 -6.42
CA VAL A 298 6.80 -38.75 -5.85
C VAL A 298 6.56 -38.89 -4.33
N MET A 299 7.03 -37.93 -3.55
CA MET A 299 6.88 -37.96 -2.08
C MET A 299 6.31 -36.66 -1.52
N LYS A 300 4.98 -36.64 -1.40
CA LYS A 300 4.20 -35.43 -1.17
C LYS A 300 4.11 -35.03 0.30
N VAL A 301 3.94 -33.73 0.53
CA VAL A 301 3.52 -33.21 1.83
C VAL A 301 2.25 -32.35 1.67
N LEU A 302 1.87 -32.03 0.43
CA LEU A 302 0.77 -31.12 0.18
C LEU A 302 0.29 -31.19 -1.26
N ASN A 303 -1.02 -31.09 -1.47
CA ASN A 303 -1.55 -30.66 -2.76
C ASN A 303 -1.61 -29.16 -2.65
N PHE A 304 -2.06 -28.50 -3.71
CA PHE A 304 -2.38 -27.09 -3.65
C PHE A 304 -2.90 -26.62 -4.98
N THR A 305 -3.90 -25.75 -4.93
CA THR A 305 -4.42 -25.17 -6.15
C THR A 305 -4.38 -23.67 -6.04
N THR A 306 -3.52 -23.08 -6.85
CA THR A 306 -3.46 -21.64 -6.99
C THR A 306 -4.78 -21.11 -7.55
N LYS A 307 -5.43 -20.25 -6.76
CA LYS A 307 -6.69 -19.61 -7.12
C LYS A 307 -6.53 -18.84 -8.43
N ALA A 308 -7.55 -18.87 -9.27
CA ALA A 308 -7.41 -18.47 -10.68
C ALA A 308 -7.21 -16.97 -10.96
N LYS A 309 -7.96 -16.11 -10.28
CA LYS A 309 -7.93 -14.68 -10.62
C LYS A 309 -7.70 -13.77 -9.42
N ASP A 310 -7.21 -12.55 -9.71
CA ASP A 310 -6.99 -11.52 -8.70
C ASP A 310 -5.88 -11.92 -7.75
N LEU A 311 -4.86 -12.55 -8.31
CA LEU A 311 -3.75 -13.00 -7.52
C LEU A 311 -2.98 -11.80 -6.98
N HIS A 312 -2.49 -11.90 -5.75
CA HIS A 312 -1.67 -10.83 -5.20
C HIS A 312 -0.20 -11.02 -5.58
N LEU A 313 0.26 -10.27 -6.58
CA LEU A 313 1.66 -10.34 -7.02
C LEU A 313 2.63 -10.03 -5.89
N SER A 314 3.93 -10.21 -6.14
CA SER A 314 4.92 -9.85 -5.12
C SER A 314 5.43 -8.44 -5.35
N ASP A 315 5.96 -7.86 -4.29
CA ASP A 315 6.47 -6.51 -4.35
C ASP A 315 7.44 -6.37 -5.50
N VAL A 316 8.59 -7.01 -5.28
CA VAL A 316 9.72 -6.96 -6.18
C VAL A 316 9.31 -7.25 -7.63
N PHE A 317 8.46 -8.26 -7.81
CA PHE A 317 7.94 -8.56 -9.15
C PHE A 317 7.15 -7.39 -9.67
N LEU A 318 6.14 -6.99 -8.91
CA LEU A 318 5.31 -5.84 -9.29
C LEU A 318 6.12 -4.59 -9.61
N LYS A 319 7.08 -4.24 -8.75
CA LYS A 319 7.96 -3.11 -9.03
C LYS A 319 8.59 -3.25 -10.40
N ALA A 320 9.44 -4.26 -10.56
CA ALA A 320 10.12 -4.55 -11.82
C ALA A 320 9.15 -4.61 -13.03
N LEU A 321 8.00 -5.20 -12.81
CA LEU A 321 6.98 -5.36 -13.83
C LEU A 321 6.32 -4.03 -14.15
N ASN A 322 6.79 -2.97 -13.50
CA ASN A 322 6.30 -1.63 -13.81
C ASN A 322 7.34 -0.79 -14.53
N HIS A 323 8.57 -0.86 -14.05
CA HIS A 323 9.66 -0.14 -14.68
C HIS A 323 9.86 -0.56 -16.15
N LEU A 324 8.90 -1.30 -16.70
CA LEU A 324 8.95 -1.71 -18.10
C LEU A 324 8.29 -0.66 -18.98
N PRO A 325 9.04 -0.15 -19.97
CA PRO A 325 8.55 0.79 -20.99
C PRO A 325 7.27 0.35 -21.69
N LEU A 326 6.52 1.31 -22.21
CA LEU A 326 5.24 1.07 -22.88
C LEU A 326 5.46 0.60 -24.31
N GLU A 327 6.15 1.40 -25.13
CA GLU A 327 6.56 0.95 -26.46
C GLU A 327 7.33 -0.34 -26.29
N TYR A 328 7.15 -1.28 -27.20
CA TYR A 328 7.82 -2.57 -27.11
C TYR A 328 9.34 -2.43 -27.06
N ASN A 329 9.97 -3.31 -26.31
CA ASN A 329 11.42 -3.29 -26.15
C ASN A 329 11.97 -4.66 -25.81
N SER A 330 12.37 -5.39 -26.87
CA SER A 330 12.79 -6.78 -26.76
C SER A 330 13.81 -7.02 -25.64
N ALA A 331 14.79 -6.14 -25.52
CA ALA A 331 15.87 -6.27 -24.55
C ALA A 331 15.40 -6.40 -23.12
N LEU A 332 14.61 -5.44 -22.67
CA LEU A 332 14.24 -5.34 -21.26
C LEU A 332 13.07 -6.23 -20.83
N TYR A 333 12.19 -6.56 -21.76
CA TYR A 333 11.10 -7.48 -21.46
C TYR A 333 11.62 -8.88 -21.17
N SER A 334 12.33 -9.45 -22.13
CA SER A 334 12.93 -10.77 -21.94
C SER A 334 13.60 -10.90 -20.57
N ARG A 335 14.12 -9.80 -20.05
CA ARG A 335 14.77 -9.79 -18.75
C ARG A 335 13.87 -10.29 -17.63
N ILE A 336 12.56 -10.14 -17.76
CA ILE A 336 11.67 -10.61 -16.71
C ILE A 336 11.66 -12.13 -16.65
N PHE A 337 11.71 -12.74 -17.83
CA PHE A 337 11.80 -14.20 -17.94
C PHE A 337 13.01 -14.74 -17.20
N ASP A 338 14.16 -14.12 -17.45
CA ASP A 338 15.36 -14.51 -16.73
C ASP A 338 15.20 -14.37 -15.23
N ASP A 339 14.71 -13.21 -14.81
CA ASP A 339 14.59 -12.89 -13.38
C ASP A 339 13.45 -13.63 -12.69
N PHE A 340 12.30 -13.75 -13.36
CA PHE A 340 11.11 -14.31 -12.72
C PHE A 340 10.60 -15.63 -13.31
N GLY A 341 10.84 -15.87 -14.60
CA GLY A 341 10.51 -17.16 -15.16
C GLY A 341 9.59 -17.07 -16.35
N THR A 342 8.72 -18.06 -16.50
CA THR A 342 7.99 -18.26 -17.74
C THR A 342 6.57 -18.62 -17.45
N HIS A 343 6.37 -19.30 -16.33
CA HIS A 343 5.08 -19.77 -15.92
C HIS A 343 5.00 -19.56 -14.44
N TYR A 344 3.89 -19.94 -13.85
CA TYR A 344 3.77 -19.86 -12.41
C TYR A 344 2.85 -21.00 -12.01
N PHE A 345 3.02 -21.52 -10.81
CA PHE A 345 2.32 -22.73 -10.46
C PHE A 345 0.81 -22.52 -10.28
N THR A 346 0.03 -23.15 -11.14
CA THR A 346 -1.42 -23.16 -10.96
C THR A 346 -1.77 -24.18 -9.91
N SER A 347 -1.26 -25.39 -10.08
CA SER A 347 -1.52 -26.46 -9.13
C SER A 347 -0.30 -27.36 -8.99
N GLY A 348 -0.18 -28.01 -7.84
CA GLY A 348 0.95 -28.90 -7.65
C GLY A 348 1.01 -29.45 -6.26
N SER A 349 2.19 -29.94 -5.90
CA SER A 349 2.37 -30.52 -4.60
C SER A 349 3.74 -30.08 -4.12
N LEU A 350 4.07 -30.43 -2.89
CA LEU A 350 5.27 -29.92 -2.25
C LEU A 350 5.95 -31.04 -1.51
N GLY A 351 7.23 -31.26 -1.80
CA GLY A 351 7.95 -32.36 -1.20
C GLY A 351 9.19 -32.65 -2.01
N GLY A 352 9.27 -33.87 -2.55
CA GLY A 352 10.43 -34.30 -3.31
C GLY A 352 10.09 -35.45 -4.22
N VAL A 353 10.95 -35.71 -5.19
CA VAL A 353 10.74 -36.76 -6.17
C VAL A 353 12.03 -37.53 -6.31
N TYR A 354 11.96 -38.85 -6.10
CA TYR A 354 13.08 -39.74 -6.39
C TYR A 354 12.99 -40.07 -7.86
N ASP A 355 13.98 -39.67 -8.63
CA ASP A 355 13.90 -39.83 -10.07
C ASP A 355 15.28 -40.07 -10.70
N LEU A 356 15.50 -41.28 -11.18
CA LEU A 356 16.81 -41.63 -11.73
C LEU A 356 16.63 -42.25 -13.10
N LEU A 357 17.41 -41.74 -14.05
CA LEU A 357 17.48 -42.30 -15.38
C LEU A 357 18.69 -43.23 -15.37
N TYR A 358 18.47 -44.53 -15.46
CA TYR A 358 19.57 -45.50 -15.57
C TYR A 358 20.05 -45.67 -17.00
N GLN A 359 21.36 -45.72 -17.21
CA GLN A 359 21.82 -45.93 -18.56
C GLN A 359 22.39 -47.29 -18.78
N PHE A 360 21.80 -47.99 -19.73
CA PHE A 360 22.14 -49.38 -19.98
C PHE A 360 22.64 -49.52 -21.41
N SER A 361 23.64 -50.39 -21.59
CA SER A 361 24.21 -50.65 -22.89
C SER A 361 23.33 -51.66 -23.60
N SER A 362 22.74 -51.26 -24.71
CA SER A 362 21.85 -52.16 -25.44
C SER A 362 22.48 -53.51 -25.77
N GLU A 363 23.80 -53.60 -25.83
CA GLU A 363 24.40 -54.90 -26.12
C GLU A 363 24.22 -55.82 -24.91
N GLU A 364 24.49 -55.28 -23.72
CA GLU A 364 24.24 -55.98 -22.47
C GLU A 364 22.79 -56.44 -22.32
N LEU A 365 21.83 -55.51 -22.53
CA LEU A 365 20.42 -55.85 -22.46
C LEU A 365 20.03 -57.02 -23.41
N LYS A 366 20.33 -56.86 -24.69
CA LYS A 366 20.11 -57.92 -25.67
C LYS A 366 20.79 -59.21 -25.23
N ASN A 367 22.01 -59.11 -24.70
CA ASN A 367 22.66 -60.32 -24.20
C ASN A 367 21.98 -60.86 -22.96
N SER A 368 21.22 -60.02 -22.25
CA SER A 368 20.59 -60.46 -21.02
C SER A 368 19.35 -61.23 -21.38
N GLY A 369 18.84 -60.96 -22.58
CA GLY A 369 17.62 -61.57 -23.05
C GLY A 369 16.37 -61.12 -22.33
N LEU A 370 16.46 -60.19 -21.39
CA LEU A 370 15.25 -59.71 -20.74
C LEU A 370 14.49 -58.79 -21.68
N THR A 371 13.18 -58.80 -21.59
CA THR A 371 12.35 -57.88 -22.36
C THR A 371 12.25 -56.63 -21.54
N GLU A 372 11.85 -55.55 -22.19
CA GLU A 372 11.71 -54.30 -21.50
C GLU A 372 10.89 -54.49 -20.25
N GLU A 373 9.80 -55.23 -20.33
CA GLU A 373 8.95 -55.33 -19.15
C GLU A 373 9.72 -56.01 -18.02
N GLU A 374 10.55 -56.98 -18.38
CA GLU A 374 11.34 -57.70 -17.39
C GLU A 374 12.38 -56.79 -16.74
N ALA A 375 13.07 -56.00 -17.56
CA ALA A 375 14.17 -55.17 -17.09
C ALA A 375 13.65 -54.07 -16.21
N LYS A 376 12.63 -53.38 -16.70
CA LYS A 376 11.93 -52.38 -15.89
C LYS A 376 11.58 -52.94 -14.51
N HIS A 377 11.22 -54.22 -14.48
CA HIS A 377 10.79 -54.89 -13.27
C HIS A 377 11.96 -55.13 -12.34
N CYS A 378 13.06 -55.62 -12.91
CA CYS A 378 14.25 -55.92 -12.12
C CYS A 378 14.76 -54.67 -11.45
N VAL A 379 14.67 -53.54 -12.14
CA VAL A 379 15.02 -52.26 -11.52
C VAL A 379 13.99 -51.85 -10.47
N ARG A 380 12.74 -52.23 -10.70
CA ARG A 380 11.68 -51.92 -9.75
C ARG A 380 11.88 -52.67 -8.43
N ILE A 381 12.03 -53.98 -8.50
CA ILE A 381 12.14 -54.71 -7.25
C ILE A 381 13.49 -54.53 -6.61
N GLU A 382 14.55 -54.35 -7.40
CA GLU A 382 15.87 -54.09 -6.80
C GLU A 382 15.92 -52.76 -6.07
N THR A 383 15.46 -51.69 -6.71
CA THR A 383 15.36 -50.41 -6.01
C THR A 383 14.61 -50.60 -4.71
N LYS A 384 13.45 -51.27 -4.80
CA LYS A 384 12.53 -51.49 -3.69
C LYS A 384 13.25 -52.12 -2.51
N LYS A 385 13.98 -53.19 -2.74
CA LYS A 385 14.75 -53.85 -1.68
C LYS A 385 15.89 -53.01 -1.13
N ARG A 386 16.71 -52.44 -2.03
CA ARG A 386 18.00 -51.86 -1.66
C ARG A 386 17.99 -50.38 -1.26
N VAL A 387 17.04 -49.62 -1.79
CA VAL A 387 17.10 -48.18 -1.61
C VAL A 387 15.92 -47.73 -0.78
N LEU A 388 14.73 -48.03 -1.27
CA LEU A 388 13.54 -47.94 -0.42
C LEU A 388 13.64 -49.06 0.62
N PHE A 389 13.05 -48.87 1.79
CA PHE A 389 13.18 -49.88 2.81
C PHE A 389 12.03 -50.87 2.68
N ALA A 390 12.08 -51.72 1.67
CA ALA A 390 10.96 -52.62 1.38
C ALA A 390 11.03 -53.85 2.26
N LYS A 391 9.97 -54.06 3.03
CA LYS A 391 9.95 -54.99 4.15
C LYS A 391 10.78 -56.24 3.90
N LYS A 392 10.35 -57.08 2.97
CA LYS A 392 11.14 -58.25 2.59
C LYS A 392 10.45 -58.85 1.39
N THR A 393 11.18 -59.62 0.59
CA THR A 393 10.52 -60.21 -0.56
C THR A 393 11.21 -61.44 -1.09
N LYS A 394 10.45 -62.24 -1.85
CA LYS A 394 11.00 -63.41 -2.52
C LYS A 394 12.03 -62.93 -3.55
N VAL A 395 13.11 -63.69 -3.68
CA VAL A 395 14.07 -63.45 -4.75
C VAL A 395 13.44 -63.89 -6.06
N GLU A 396 13.96 -63.39 -7.17
CA GLU A 396 13.40 -63.71 -8.46
C GLU A 396 14.53 -63.98 -9.45
N HIS A 397 14.76 -65.27 -9.69
CA HIS A 397 15.94 -65.65 -10.42
C HIS A 397 16.05 -65.09 -11.83
N ARG A 398 14.94 -64.57 -12.35
CA ARG A 398 14.98 -63.94 -13.65
C ARG A 398 15.77 -62.64 -13.54
N CYS A 399 15.78 -62.05 -12.36
CA CYS A 399 16.47 -60.78 -12.12
C CYS A 399 17.86 -60.94 -11.54
N THR A 400 18.28 -62.17 -11.36
CA THR A 400 19.40 -62.47 -10.52
C THR A 400 20.39 -63.39 -11.21
N THR A 401 19.90 -64.20 -12.15
CA THR A 401 20.76 -65.19 -12.79
C THR A 401 20.82 -65.07 -14.29
N ASN A 402 20.31 -63.95 -14.84
CA ASN A 402 20.49 -63.67 -16.26
C ASN A 402 21.95 -63.31 -16.60
N LYS A 403 22.29 -63.27 -17.88
CA LYS A 403 23.69 -63.04 -18.28
C LYS A 403 24.29 -61.69 -17.80
N LEU A 404 23.43 -60.73 -17.49
CA LEU A 404 23.94 -59.46 -17.00
C LEU A 404 24.12 -59.50 -15.49
N SER A 405 23.04 -59.74 -14.77
CA SER A 405 23.16 -59.75 -13.32
C SER A 405 24.18 -60.76 -12.82
N GLU A 406 24.31 -61.84 -13.58
CA GLU A 406 25.29 -62.90 -13.36
C GLU A 406 26.71 -62.32 -13.18
N LYS A 407 27.01 -61.22 -13.88
CA LYS A 407 28.35 -60.60 -13.83
C LYS A 407 28.48 -59.50 -12.80
N HIS A 408 27.59 -59.50 -11.82
CA HIS A 408 27.59 -58.44 -10.84
C HIS A 408 26.96 -58.95 -9.55
N GLU A 409 27.26 -60.19 -9.19
CA GLU A 409 26.77 -60.70 -7.93
C GLU A 409 25.27 -60.70 -7.86
N GLY A 410 24.62 -60.83 -9.02
CA GLY A 410 23.18 -60.96 -9.08
C GLY A 410 22.44 -59.63 -9.02
N SER A 411 23.17 -58.53 -9.05
CA SER A 411 22.49 -57.26 -9.18
C SER A 411 22.30 -56.92 -10.63
N PHE A 412 21.11 -56.44 -10.97
CA PHE A 412 20.83 -56.05 -12.32
C PHE A 412 21.14 -54.58 -12.47
N ILE A 413 20.78 -53.80 -11.45
CA ILE A 413 21.00 -52.36 -11.52
C ILE A 413 22.49 -52.06 -11.83
N GLN A 414 23.38 -52.73 -11.11
CA GLN A 414 24.82 -52.57 -11.29
C GLN A 414 25.35 -53.02 -12.64
N GLY A 415 24.46 -53.48 -13.51
CA GLY A 415 24.86 -53.83 -14.87
C GLY A 415 24.79 -52.58 -15.70
N ALA A 416 24.30 -51.50 -15.10
CA ALA A 416 24.20 -50.25 -15.82
C ALA A 416 25.57 -49.61 -15.93
N GLU A 417 25.66 -48.62 -16.82
CA GLU A 417 26.84 -47.79 -16.91
C GLU A 417 26.85 -46.84 -15.74
N LYS A 418 25.68 -46.26 -15.50
CA LYS A 418 25.55 -45.33 -14.42
C LYS A 418 24.12 -44.89 -14.37
N SER A 419 23.82 -44.09 -13.36
CA SER A 419 22.53 -43.45 -13.35
C SER A 419 22.73 -41.94 -13.50
N ILE A 420 21.76 -41.29 -14.11
CA ILE A 420 21.67 -39.84 -14.09
C ILE A 420 20.55 -39.41 -13.12
N SER A 421 20.76 -38.34 -12.37
CA SER A 421 19.76 -37.94 -11.40
C SER A 421 18.84 -36.82 -11.90
N LEU A 422 17.54 -37.12 -11.87
CA LEU A 422 16.52 -36.14 -12.14
C LEU A 422 15.80 -35.81 -10.82
N ILE A 423 16.45 -36.08 -9.70
CA ILE A 423 15.84 -35.77 -8.43
C ILE A 423 15.56 -34.27 -8.27
N ARG A 424 14.33 -33.93 -7.86
CA ARG A 424 13.94 -32.61 -7.32
C ARG A 424 13.68 -32.79 -5.84
N GLY A 425 13.94 -31.76 -5.03
CA GLY A 425 13.75 -31.84 -3.60
C GLY A 425 15.02 -32.05 -2.80
N GLY A 426 15.05 -31.48 -1.60
CA GLY A 426 16.21 -31.61 -0.75
C GLY A 426 17.41 -30.87 -1.31
N ARG A 427 18.54 -31.01 -0.61
CA ARG A 427 19.79 -30.38 -0.98
C ARG A 427 20.44 -31.20 -2.07
N SER A 428 21.11 -30.54 -3.00
CA SER A 428 21.59 -31.25 -4.17
C SER A 428 22.68 -32.23 -3.78
N GLU A 429 23.44 -31.93 -2.74
CA GLU A 429 24.46 -32.89 -2.34
C GLU A 429 23.82 -34.26 -2.26
N TYR A 430 22.64 -34.29 -1.64
CA TYR A 430 21.98 -35.53 -1.24
C TYR A 430 21.28 -36.22 -2.39
N GLY A 431 20.70 -35.43 -3.28
CA GLY A 431 20.19 -36.03 -4.50
C GLY A 431 21.30 -36.70 -5.28
N ALA A 432 22.42 -35.99 -5.40
CA ALA A 432 23.50 -36.48 -6.23
C ALA A 432 23.99 -37.83 -5.77
N ALA A 433 24.07 -38.05 -4.46
CA ALA A 433 24.51 -39.37 -3.95
C ALA A 433 23.62 -40.55 -4.36
N LEU A 434 22.35 -40.30 -4.62
CA LEU A 434 21.42 -41.36 -4.95
C LEU A 434 21.73 -41.91 -6.33
N ALA A 435 22.42 -41.11 -7.12
CA ALA A 435 22.86 -41.51 -8.45
C ALA A 435 24.08 -42.42 -8.44
N TRP A 436 23.84 -43.68 -8.69
CA TRP A 436 24.89 -44.67 -8.59
C TRP A 436 25.83 -44.61 -9.75
N GLU A 437 27.05 -45.05 -9.48
CA GLU A 437 27.99 -45.44 -10.51
C GLU A 437 28.88 -46.41 -9.78
N LYS A 438 29.50 -47.32 -10.53
CA LYS A 438 30.57 -48.14 -9.99
C LYS A 438 31.29 -47.47 -8.86
N GLY A 439 31.46 -48.23 -7.79
CA GLY A 439 32.26 -47.83 -6.67
C GLY A 439 31.72 -46.68 -5.89
N SER A 440 30.53 -46.19 -6.26
CA SER A 440 29.92 -45.10 -5.49
C SER A 440 28.66 -45.44 -4.67
N SER A 441 28.13 -44.45 -3.97
CA SER A 441 26.96 -44.61 -3.16
C SER A 441 25.67 -44.56 -3.98
N GLY A 442 24.53 -44.85 -3.35
CA GLY A 442 23.26 -44.78 -4.06
C GLY A 442 22.34 -46.00 -3.98
N LEU A 443 22.87 -47.13 -3.58
CA LEU A 443 22.08 -48.33 -3.46
C LEU A 443 22.21 -48.85 -2.03
N GLU A 444 22.29 -47.89 -1.12
CA GLU A 444 22.44 -48.09 0.30
C GLU A 444 21.23 -47.41 0.96
N GLU A 445 20.54 -48.05 1.91
CA GLU A 445 19.36 -47.41 2.52
C GLU A 445 19.78 -46.07 3.16
N LYS A 446 20.84 -46.12 3.96
CA LYS A 446 21.38 -44.95 4.64
C LYS A 446 21.32 -43.76 3.71
N THR A 447 21.94 -43.90 2.54
CA THR A 447 21.93 -42.81 1.58
C THR A 447 20.52 -42.25 1.35
N PHE A 448 19.57 -43.12 1.06
CA PHE A 448 18.21 -42.70 0.75
C PHE A 448 17.52 -41.96 1.87
N SER A 449 17.66 -42.47 3.09
CA SER A 449 17.08 -41.80 4.24
C SER A 449 17.65 -40.39 4.41
N GLU A 450 18.95 -40.19 4.14
CA GLU A 450 19.54 -38.87 4.30
C GLU A 450 18.87 -37.86 3.39
N TRP A 451 18.77 -38.21 2.11
CA TRP A 451 18.06 -37.35 1.18
C TRP A 451 16.66 -37.08 1.71
N LEU A 452 15.99 -38.12 2.22
CA LEU A 452 14.61 -37.98 2.64
C LEU A 452 14.40 -36.95 3.73
N GLU A 453 15.31 -36.92 4.72
CA GLU A 453 15.40 -35.81 5.68
C GLU A 453 15.40 -34.45 4.95
N SER A 454 16.50 -34.14 4.28
CA SER A 454 16.62 -32.95 3.46
C SER A 454 15.29 -32.52 2.81
N VAL A 455 14.52 -33.47 2.29
CA VAL A 455 13.31 -33.14 1.56
C VAL A 455 12.21 -32.53 2.42
N LYS A 456 12.21 -32.85 3.71
CA LYS A 456 11.35 -32.17 4.66
C LYS A 456 11.90 -30.78 4.92
N GLU A 457 13.23 -30.69 5.12
CA GLU A 457 13.90 -29.42 5.39
C GLU A 457 14.01 -28.51 4.17
N ASN A 458 13.78 -29.05 2.99
CA ASN A 458 13.95 -28.28 1.77
C ASN A 458 13.03 -28.83 0.70
N PRO A 459 11.72 -28.75 0.92
CA PRO A 459 10.83 -29.25 -0.13
C PRO A 459 10.99 -28.49 -1.44
N ALA A 460 10.31 -28.98 -2.45
CA ALA A 460 10.30 -28.34 -3.75
C ALA A 460 8.92 -28.58 -4.33
N VAL A 461 8.50 -27.75 -5.27
CA VAL A 461 7.19 -27.94 -5.87
C VAL A 461 7.33 -29.07 -6.87
N ILE A 462 6.48 -30.08 -6.76
CA ILE A 462 6.57 -31.25 -7.62
C ILE A 462 5.21 -31.57 -8.19
N ASP A 463 5.16 -32.51 -9.13
CA ASP A 463 3.89 -32.97 -9.68
C ASP A 463 2.97 -31.77 -9.89
N PHE A 464 3.38 -30.85 -10.77
CA PHE A 464 2.78 -29.52 -10.83
C PHE A 464 2.39 -29.00 -12.23
N GLU A 465 1.19 -28.43 -12.36
CA GLU A 465 0.81 -27.76 -13.62
C GLU A 465 1.17 -26.28 -13.61
N LEU A 466 1.42 -25.74 -14.80
CA LEU A 466 1.81 -24.34 -14.92
C LEU A 466 0.84 -23.53 -15.77
N ALA A 467 1.21 -22.27 -15.96
CA ALA A 467 0.45 -21.29 -16.73
C ALA A 467 1.45 -20.22 -17.06
N PRO A 468 1.35 -19.65 -18.26
CA PRO A 468 2.27 -18.62 -18.74
C PRO A 468 2.29 -17.41 -17.80
N ILE A 469 3.48 -16.96 -17.43
CA ILE A 469 3.65 -15.83 -16.51
C ILE A 469 2.93 -14.60 -17.02
N VAL A 470 2.58 -14.59 -18.30
CA VAL A 470 1.89 -13.46 -18.91
C VAL A 470 0.52 -13.19 -18.26
N ASP A 471 -0.23 -14.23 -17.94
CA ASP A 471 -1.58 -14.04 -17.42
C ASP A 471 -1.61 -13.42 -16.02
N LEU A 472 -0.43 -13.11 -15.48
CA LEU A 472 -0.31 -12.49 -14.17
C LEU A 472 -0.28 -10.97 -14.22
N VAL A 473 0.27 -10.43 -15.31
CA VAL A 473 0.41 -8.98 -15.46
C VAL A 473 -0.87 -8.44 -16.09
N ARG A 474 -1.90 -8.29 -15.25
CA ARG A 474 -3.25 -7.99 -15.72
C ARG A 474 -3.86 -6.74 -15.09
N ASN A 475 -3.33 -6.30 -13.97
CA ASN A 475 -3.90 -5.12 -13.31
C ASN A 475 -2.90 -4.00 -12.96
N ILE A 476 -2.09 -3.63 -13.92
CA ILE A 476 -1.13 -2.54 -13.76
C ILE A 476 -1.73 -1.33 -14.48
N PRO A 477 -0.91 -0.29 -14.78
CA PRO A 477 -1.51 0.82 -15.53
C PRO A 477 -2.01 0.38 -16.89
N CYS A 478 -1.07 -0.04 -17.74
CA CYS A 478 -1.44 -0.53 -19.04
C CYS A 478 -1.18 -2.03 -19.09
N ALA A 479 -2.13 -2.76 -18.53
CA ALA A 479 -2.08 -4.22 -18.53
C ALA A 479 -2.15 -4.74 -19.95
N VAL A 480 -3.29 -4.55 -20.61
CA VAL A 480 -3.48 -5.04 -21.96
C VAL A 480 -2.33 -4.61 -22.88
N THR A 481 -1.72 -3.46 -22.60
CA THR A 481 -0.56 -3.02 -23.38
C THR A 481 0.67 -3.87 -23.05
N LYS A 482 1.19 -3.73 -21.85
CA LYS A 482 2.37 -4.49 -21.45
C LYS A 482 2.14 -6.00 -21.38
N ARG A 483 0.91 -6.44 -21.60
CA ARG A 483 0.61 -7.87 -21.74
C ARG A 483 0.99 -8.37 -23.12
N ASN A 484 0.40 -7.79 -24.16
CA ASN A 484 0.77 -8.16 -25.52
C ASN A 484 2.20 -7.75 -25.84
N ASN A 485 2.68 -6.74 -25.14
CA ASN A 485 4.08 -6.37 -25.18
C ASN A 485 4.93 -7.53 -24.71
N LEU A 486 4.36 -8.37 -23.84
CA LEU A 486 5.09 -9.46 -23.23
C LEU A 486 5.08 -10.77 -24.04
N ARG A 487 3.93 -11.13 -24.59
CA ARG A 487 3.84 -12.30 -25.47
C ARG A 487 4.82 -12.16 -26.61
N LYS A 488 5.00 -10.95 -27.11
CA LYS A 488 5.99 -10.70 -28.15
C LYS A 488 7.38 -11.03 -27.61
N ALA A 489 7.75 -10.42 -26.49
CA ALA A 489 9.07 -10.64 -25.91
C ALA A 489 9.31 -12.10 -25.55
N LEU A 490 8.24 -12.90 -25.53
CA LEU A 490 8.29 -14.32 -25.14
C LEU A 490 8.43 -15.23 -26.36
N GLN A 491 7.60 -15.00 -27.37
CA GLN A 491 7.73 -15.69 -28.64
C GLN A 491 9.18 -15.62 -29.10
N GLU A 492 9.70 -14.40 -29.17
CA GLU A 492 11.07 -14.17 -29.59
C GLU A 492 12.09 -14.78 -28.62
N TYR A 493 11.69 -14.93 -27.35
CA TYR A 493 12.52 -15.62 -26.36
C TYR A 493 12.71 -17.09 -26.75
N ALA A 494 11.60 -17.78 -26.97
CA ALA A 494 11.63 -19.18 -27.38
C ALA A 494 12.25 -19.33 -28.77
N ALA A 495 12.02 -18.34 -29.63
CA ALA A 495 12.64 -18.38 -30.94
C ALA A 495 14.13 -18.68 -30.76
N LYS A 496 14.73 -17.98 -29.80
CA LYS A 496 16.17 -18.07 -29.58
C LYS A 496 16.69 -19.47 -29.25
N PHE A 497 15.80 -20.36 -28.80
CA PHE A 497 16.18 -21.72 -28.37
C PHE A 497 15.76 -22.81 -29.32
N ASP A 498 15.18 -22.45 -30.46
CA ASP A 498 14.71 -23.43 -31.42
C ASP A 498 15.84 -24.14 -32.17
N PRO A 499 15.75 -25.48 -32.22
CA PRO A 499 16.68 -26.45 -32.81
C PRO A 499 16.79 -26.32 -34.32
N CYS A 500 15.96 -25.46 -34.90
CA CYS A 500 15.98 -25.35 -36.34
C CYS A 500 17.29 -24.69 -36.77
N GLN A 501 17.90 -23.94 -35.86
CA GLN A 501 19.14 -23.22 -36.18
C GLN A 501 20.25 -24.22 -36.43
N CYS A 502 19.98 -25.49 -36.11
CA CYS A 502 20.99 -26.54 -36.08
C CYS A 502 21.21 -27.26 -37.40
N ALA A 503 22.47 -27.45 -37.77
CA ALA A 503 22.79 -28.36 -38.86
C ALA A 503 22.21 -29.71 -38.45
N PRO A 504 21.82 -30.54 -39.43
CA PRO A 504 21.25 -31.89 -39.24
C PRO A 504 22.30 -32.94 -38.85
N CYS A 505 21.84 -34.09 -38.37
CA CYS A 505 22.69 -35.07 -37.68
C CYS A 505 22.81 -36.44 -38.41
N PRO A 506 24.03 -36.97 -38.45
CA PRO A 506 24.44 -38.22 -39.05
C PRO A 506 23.41 -39.37 -39.27
N ASN A 507 22.57 -39.78 -38.34
CA ASN A 507 21.66 -40.85 -38.74
C ASN A 507 20.28 -40.59 -38.26
N ASN A 508 19.60 -39.63 -38.87
CA ASN A 508 18.29 -39.26 -38.37
C ASN A 508 18.39 -38.83 -36.93
N GLY A 509 19.57 -38.47 -36.48
CA GLY A 509 19.72 -37.95 -35.14
C GLY A 509 18.90 -36.69 -35.10
N ARG A 510 18.29 -36.40 -33.94
CA ARG A 510 17.48 -35.18 -33.80
C ARG A 510 18.20 -34.16 -32.95
N PRO A 511 18.58 -33.04 -33.57
CA PRO A 511 19.34 -31.99 -32.89
C PRO A 511 18.56 -31.23 -31.83
N THR A 512 19.27 -30.90 -30.77
CA THR A 512 18.69 -30.15 -29.69
C THR A 512 19.70 -29.11 -29.24
N LEU A 513 19.22 -27.88 -29.11
CA LEU A 513 20.07 -26.76 -28.75
C LEU A 513 20.20 -26.65 -27.24
N SER A 514 21.43 -26.68 -26.74
CA SER A 514 21.71 -26.37 -25.34
C SER A 514 22.67 -25.18 -25.24
N GLY A 515 22.15 -24.04 -24.78
CA GLY A 515 22.95 -22.84 -24.79
C GLY A 515 23.18 -22.44 -26.22
N THR A 516 24.45 -22.37 -26.63
CA THR A 516 24.75 -22.00 -28.01
C THR A 516 25.34 -23.13 -28.84
N GLU A 517 25.13 -24.38 -28.41
CA GLU A 517 25.65 -25.49 -29.18
C GLU A 517 24.59 -26.54 -29.43
N CYS A 518 24.78 -27.32 -30.49
CA CYS A 518 23.81 -28.30 -30.88
C CYS A 518 24.34 -29.69 -30.63
N LEU A 519 23.74 -30.37 -29.68
CA LEU A 519 24.04 -31.77 -29.42
C LEU A 519 23.12 -32.63 -30.25
N CYS A 520 23.66 -33.72 -30.79
CA CYS A 520 22.85 -34.64 -31.57
C CYS A 520 22.24 -35.73 -30.67
N VAL A 521 20.92 -35.84 -30.69
CA VAL A 521 20.25 -36.95 -30.03
C VAL A 521 20.07 -38.15 -30.95
N CYS A 522 20.67 -39.27 -30.55
CA CYS A 522 20.81 -40.46 -31.39
C CYS A 522 19.59 -41.36 -31.43
N GLN A 523 19.31 -41.93 -32.59
CA GLN A 523 18.27 -42.95 -32.70
C GLN A 523 18.88 -44.20 -32.15
N SER A 524 18.04 -45.04 -31.56
CA SER A 524 18.50 -46.29 -30.97
C SER A 524 19.31 -47.09 -32.00
N GLY A 525 20.42 -47.67 -31.56
CA GLY A 525 21.31 -48.36 -32.46
C GLY A 525 22.45 -47.49 -32.98
N THR A 526 22.45 -46.23 -32.60
CA THR A 526 23.58 -45.38 -32.96
C THR A 526 24.19 -44.64 -31.78
N TYR A 527 25.49 -44.43 -31.84
CA TYR A 527 26.22 -43.62 -30.85
C TYR A 527 27.34 -42.82 -31.50
N GLY A 528 28.35 -42.46 -30.71
CA GLY A 528 29.42 -41.60 -31.18
C GLY A 528 29.07 -40.14 -30.95
N GLU A 529 30.03 -39.24 -30.98
CA GLU A 529 29.75 -37.88 -30.55
C GLU A 529 28.71 -37.16 -31.41
N ASN A 530 28.60 -37.55 -32.68
CA ASN A 530 27.49 -37.05 -33.48
C ASN A 530 26.58 -38.15 -34.01
N CYS A 531 26.45 -39.24 -33.26
CA CYS A 531 25.58 -40.34 -33.64
C CYS A 531 26.03 -40.95 -34.97
N GLU A 532 27.33 -40.86 -35.28
CA GLU A 532 27.89 -41.44 -36.49
C GLU A 532 28.01 -42.96 -36.43
N LYS A 533 28.74 -43.49 -35.46
CA LYS A 533 28.81 -44.96 -35.25
C LYS A 533 27.45 -45.63 -35.15
N GLN A 534 27.27 -46.72 -35.88
CA GLN A 534 26.05 -47.57 -35.74
C GLN A 534 26.36 -49.04 -35.38
N SER A 535 25.56 -49.63 -34.50
CA SER A 535 25.77 -51.02 -34.13
C SER A 535 25.26 -51.92 -35.24
N PRO A 536 25.80 -53.15 -35.33
CA PRO A 536 25.54 -54.11 -36.43
C PRO A 536 24.06 -54.42 -36.69
N ASP A 537 23.20 -54.23 -35.70
CA ASP A 537 21.76 -54.40 -35.86
C ASP A 537 21.17 -53.27 -36.71
N TYR A 538 21.38 -52.03 -36.27
CA TYR A 538 20.84 -50.86 -36.93
C TYR A 538 21.07 -50.88 -38.42
N LYS A 539 20.01 -50.73 -39.21
CA LYS A 539 20.17 -50.86 -40.67
C LYS A 539 19.74 -49.66 -41.51
N SER A 540 18.61 -49.04 -41.16
CA SER A 540 18.04 -47.94 -41.95
C SER A 540 19.05 -47.05 -42.67
N ASN A 541 18.60 -46.43 -43.75
CA ASN A 541 19.39 -45.40 -44.40
C ASN A 541 18.53 -44.27 -44.96
N ALA A 542 17.37 -44.08 -44.35
CA ALA A 542 16.45 -43.01 -44.73
C ALA A 542 16.84 -41.67 -44.07
N VAL A 543 16.07 -40.61 -44.34
CA VAL A 543 16.34 -39.32 -43.70
C VAL A 543 15.08 -38.44 -43.50
N ASP A 544 14.55 -38.45 -42.28
CA ASP A 544 13.35 -37.65 -41.98
C ASP A 544 13.54 -36.16 -42.16
N GLY A 545 12.48 -35.51 -42.63
CA GLY A 545 12.53 -34.09 -42.87
C GLY A 545 12.45 -33.25 -41.61
N GLN A 546 13.11 -32.11 -41.66
CA GLN A 546 13.07 -31.20 -40.53
C GLN A 546 13.04 -29.77 -41.02
N TRP A 547 12.15 -29.00 -40.41
CA TRP A 547 11.98 -27.58 -40.73
C TRP A 547 13.28 -26.82 -40.70
N GLY A 548 13.49 -26.02 -41.75
CA GLY A 548 14.50 -24.99 -41.70
C GLY A 548 13.87 -23.98 -40.77
N CYS A 549 14.59 -22.91 -40.51
CA CYS A 549 14.04 -21.87 -39.66
C CYS A 549 12.84 -21.19 -40.30
N TRP A 550 12.10 -20.46 -39.49
CA TRP A 550 10.99 -19.66 -39.98
C TRP A 550 11.56 -18.63 -40.94
N SER A 551 10.69 -17.85 -41.55
CA SER A 551 11.14 -16.76 -42.38
C SER A 551 10.92 -15.49 -41.60
N SER A 552 11.17 -14.35 -42.24
CA SER A 552 10.89 -13.07 -41.62
C SER A 552 9.41 -12.74 -41.81
N TRP A 553 8.87 -11.95 -40.89
CA TRP A 553 7.50 -11.45 -41.01
C TRP A 553 7.34 -10.61 -42.27
N SER A 554 6.13 -10.64 -42.85
CA SER A 554 5.86 -9.85 -44.05
C SER A 554 5.37 -8.46 -43.69
N THR A 555 5.38 -7.57 -44.69
CA THR A 555 4.84 -6.24 -44.48
C THR A 555 3.39 -6.39 -44.07
N CYS A 556 2.97 -5.63 -43.08
CA CYS A 556 1.56 -5.56 -42.71
C CYS A 556 0.74 -5.24 -43.96
N ASP A 557 -0.40 -5.90 -44.11
CA ASP A 557 -1.24 -5.74 -45.30
C ASP A 557 -2.45 -4.83 -45.10
N ALA A 558 -3.16 -4.56 -46.19
CA ALA A 558 -4.38 -3.78 -46.14
C ALA A 558 -5.28 -4.40 -45.09
N THR A 559 -5.43 -5.72 -45.17
CA THR A 559 -6.11 -6.44 -44.11
C THR A 559 -5.11 -6.62 -43.00
N TYR A 560 -5.59 -6.92 -41.80
CA TYR A 560 -4.69 -7.19 -40.70
C TYR A 560 -3.58 -8.14 -41.15
N LYS A 561 -3.89 -8.91 -42.19
CA LYS A 561 -3.05 -10.00 -42.64
C LYS A 561 -1.54 -9.71 -42.75
N ARG A 562 -0.75 -10.52 -42.05
CA ARG A 562 0.70 -10.57 -42.16
C ARG A 562 1.14 -12.04 -42.24
N SER A 563 2.40 -12.29 -42.59
CA SER A 563 2.81 -13.68 -42.86
C SER A 563 4.22 -14.11 -42.40
N ARG A 564 4.43 -15.43 -42.35
CA ARG A 564 5.70 -16.05 -41.96
C ARG A 564 5.82 -17.42 -42.68
N THR A 565 7.03 -17.92 -42.90
CA THR A 565 7.20 -19.15 -43.70
C THR A 565 8.39 -20.05 -43.38
N ARG A 566 8.13 -21.36 -43.22
CA ARG A 566 9.22 -22.34 -43.14
C ARG A 566 9.26 -23.31 -44.33
N GLU A 567 10.45 -23.88 -44.56
CA GLU A 567 10.69 -24.80 -45.67
C GLU A 567 11.25 -26.13 -45.16
N CYS A 568 10.68 -27.24 -45.60
CA CYS A 568 11.05 -28.57 -45.10
C CYS A 568 12.36 -29.06 -45.69
N ASN A 569 13.37 -28.20 -45.58
CA ASN A 569 14.71 -28.45 -46.00
C ASN A 569 15.54 -28.81 -44.79
N ASN A 570 16.66 -28.12 -44.61
CA ASN A 570 17.50 -28.49 -43.50
C ASN A 570 17.69 -29.90 -43.94
N PRO A 571 17.34 -30.84 -43.08
CA PRO A 571 17.42 -32.21 -43.54
C PRO A 571 16.20 -32.36 -44.41
N ALA A 572 16.42 -32.40 -45.72
CA ALA A 572 15.35 -32.59 -46.68
C ALA A 572 14.94 -34.03 -46.55
N PRO A 573 13.66 -34.30 -46.60
CA PRO A 573 13.21 -35.67 -46.31
C PRO A 573 13.67 -36.63 -47.41
N GLN A 574 14.08 -37.85 -47.08
CA GLN A 574 14.72 -38.69 -48.10
C GLN A 574 14.57 -40.19 -47.98
N ARG A 575 14.72 -40.87 -49.12
CA ARG A 575 14.72 -42.32 -49.19
C ARG A 575 13.64 -42.94 -48.31
N GLY A 576 12.43 -42.40 -48.40
CA GLY A 576 11.31 -42.91 -47.63
C GLY A 576 11.37 -42.52 -46.17
N GLY A 577 11.83 -41.31 -45.93
CA GLY A 577 11.88 -40.76 -44.59
C GLY A 577 10.75 -39.79 -44.34
N LYS A 578 10.25 -39.77 -43.11
CA LYS A 578 9.12 -38.92 -42.73
C LYS A 578 9.24 -37.46 -43.16
N ARG A 579 8.36 -37.01 -44.04
CA ARG A 579 8.25 -35.59 -44.30
C ARG A 579 7.98 -34.88 -42.97
N CYS A 580 8.61 -33.73 -42.75
CA CYS A 580 8.39 -33.00 -41.50
C CYS A 580 6.94 -32.53 -41.42
N GLU A 581 6.35 -32.66 -40.24
CA GLU A 581 4.94 -32.32 -40.09
C GLU A 581 4.65 -31.04 -39.30
N GLY A 582 3.74 -30.24 -39.85
CA GLY A 582 3.41 -28.92 -39.34
C GLY A 582 3.01 -28.02 -40.50
N GLU A 583 3.24 -26.72 -40.37
CA GLU A 583 2.89 -25.79 -41.44
C GLU A 583 4.11 -25.17 -42.12
N LYS A 584 3.99 -24.87 -43.42
CA LYS A 584 5.03 -24.14 -44.15
C LYS A 584 4.81 -22.64 -44.01
N ARG A 585 3.61 -22.25 -43.59
CA ARG A 585 3.18 -20.86 -43.50
C ARG A 585 2.29 -20.66 -42.28
N GLN A 586 2.12 -19.41 -41.86
CA GLN A 586 1.39 -19.08 -40.63
C GLN A 586 0.94 -17.62 -40.68
N GLU A 587 -0.37 -17.37 -40.58
CA GLU A 587 -0.91 -16.01 -40.73
C GLU A 587 -1.49 -15.41 -39.43
N GLU A 588 -0.91 -14.30 -38.99
CA GLU A 588 -1.46 -13.53 -37.88
C GLU A 588 -1.90 -12.16 -38.39
N ASP A 589 -2.82 -11.53 -37.68
CA ASP A 589 -3.32 -10.22 -38.08
C ASP A 589 -2.57 -9.03 -37.43
N CYS A 590 -2.56 -7.89 -38.12
CA CYS A 590 -1.91 -6.67 -37.65
C CYS A 590 -2.43 -5.48 -38.47
N THR A 591 -2.59 -4.32 -37.84
CA THR A 591 -3.16 -3.14 -38.51
C THR A 591 -2.52 -2.87 -39.88
N PRO A 601 0.99 4.21 -27.93
CA PRO A 601 -0.35 3.90 -27.41
C PRO A 601 -0.28 3.22 -26.05
N CYS A 602 -1.21 3.56 -25.16
CA CYS A 602 -1.20 3.02 -23.79
C CYS A 602 -2.61 2.66 -23.28
N ILE A 603 -2.90 1.37 -23.22
CA ILE A 603 -4.26 0.87 -22.94
C ILE A 603 -4.43 0.30 -21.54
N ASN A 604 -5.41 0.80 -20.81
CA ASN A 604 -5.74 0.25 -19.50
C ASN A 604 -6.45 -1.10 -19.59
N ASP A 605 -6.71 -1.71 -18.44
CA ASP A 605 -7.40 -2.98 -18.41
C ASP A 605 -8.90 -2.74 -18.27
N ASP A 606 -9.71 -3.66 -18.78
CA ASP A 606 -11.16 -3.48 -18.78
C ASP A 606 -11.75 -3.35 -17.39
N GLU A 607 -12.83 -2.57 -17.28
CA GLU A 607 -13.48 -2.33 -16.01
C GLU A 607 -14.43 -3.47 -15.65
N GLU A 608 -14.29 -3.99 -14.45
CA GLU A 608 -15.09 -5.12 -14.00
C GLU A 608 -16.31 -4.65 -13.22
N ASP A 620 -18.91 4.59 -1.14
CA ASP A 620 -19.90 5.63 -0.87
C ASP A 620 -19.59 6.92 -1.64
N SER A 621 -20.59 7.75 -1.88
CA SER A 621 -20.42 8.89 -2.79
C SER A 621 -20.93 10.22 -2.27
N GLY A 622 -21.67 10.21 -1.17
CA GLY A 622 -22.05 11.44 -0.50
C GLY A 622 -23.11 12.29 -1.16
N CYS A 623 -23.21 13.54 -0.71
CA CYS A 623 -24.34 14.39 -1.04
C CYS A 623 -23.87 15.76 -1.49
N PRO A 624 -24.69 16.42 -2.31
CA PRO A 624 -24.52 17.78 -2.80
C PRO A 624 -24.97 18.81 -1.74
N GLN A 625 -24.69 20.08 -1.99
CA GLN A 625 -24.94 21.11 -0.98
C GLN A 625 -26.43 21.19 -0.75
N PRO A 626 -26.86 21.09 0.52
CA PRO A 626 -28.25 21.11 0.92
C PRO A 626 -28.84 22.52 0.86
N VAL A 627 -30.16 22.64 0.96
CA VAL A 627 -30.83 23.90 0.79
C VAL A 627 -31.28 24.44 2.14
N PRO A 628 -30.80 25.62 2.52
CA PRO A 628 -31.05 26.23 3.83
C PRO A 628 -32.50 26.47 4.00
N PRO A 629 -32.94 26.58 5.24
CA PRO A 629 -34.33 27.00 5.39
C PRO A 629 -34.39 28.52 5.18
N GLU A 630 -35.55 28.99 4.79
CA GLU A 630 -35.58 30.38 4.43
C GLU A 630 -34.96 31.28 5.49
N ASN A 631 -34.19 32.26 5.06
CA ASN A 631 -33.53 33.23 5.94
C ASN A 631 -32.29 32.72 6.66
N GLY A 632 -31.89 31.50 6.34
CA GLY A 632 -30.64 30.99 6.87
C GLY A 632 -29.75 30.61 5.71
N PHE A 633 -28.56 30.09 6.05
CA PHE A 633 -27.58 29.69 5.07
C PHE A 633 -26.76 28.57 5.69
N ILE A 634 -26.10 27.76 4.87
CA ILE A 634 -25.28 26.70 5.45
C ILE A 634 -23.89 27.24 5.80
N ARG A 635 -23.30 26.72 6.87
CA ARG A 635 -22.06 27.28 7.38
C ARG A 635 -20.86 26.74 6.63
N ASN A 636 -21.11 25.87 5.67
CA ASN A 636 -20.05 25.26 4.88
C ASN A 636 -20.37 24.86 3.43
N GLU A 637 -20.02 25.71 2.44
CA GLU A 637 -20.25 25.43 1.00
C GLU A 637 -19.22 24.52 0.31
N LYS A 638 -19.73 23.44 -0.30
CA LYS A 638 -18.93 22.46 -1.02
C LYS A 638 -19.81 21.91 -2.11
N GLN A 639 -19.22 21.12 -3.01
CA GLN A 639 -19.99 20.49 -4.07
C GLN A 639 -20.37 19.12 -3.58
N LEU A 640 -19.55 18.58 -2.68
CA LEU A 640 -19.76 17.22 -2.24
C LEU A 640 -19.47 16.94 -0.76
N TYR A 641 -20.37 16.26 -0.06
CA TYR A 641 -20.14 15.95 1.35
C TYR A 641 -20.04 14.46 1.53
N LEU A 642 -19.21 14.06 2.49
CA LEU A 642 -19.05 12.66 2.84
C LEU A 642 -20.29 12.16 3.52
N VAL A 643 -20.68 10.93 3.21
CA VAL A 643 -21.76 10.30 3.91
C VAL A 643 -21.45 10.46 5.39
N GLY A 644 -22.42 10.91 6.18
CA GLY A 644 -22.26 11.02 7.62
C GLY A 644 -21.72 12.34 8.12
N GLU A 645 -21.34 13.21 7.19
CA GLU A 645 -20.90 14.59 7.49
C GLU A 645 -22.04 15.50 7.98
N ASP A 646 -21.74 16.39 8.92
CA ASP A 646 -22.73 17.39 9.32
C ASP A 646 -22.43 18.77 8.76
N VAL A 647 -23.48 19.52 8.42
CA VAL A 647 -23.34 20.92 8.09
C VAL A 647 -24.33 21.66 8.97
N GLU A 648 -23.92 22.84 9.41
CA GLU A 648 -24.68 23.55 10.40
C GLU A 648 -25.48 24.64 9.69
N ILE A 649 -26.72 24.84 10.12
CA ILE A 649 -27.56 25.91 9.58
C ILE A 649 -27.45 27.12 10.49
N SER A 650 -27.23 28.30 9.94
CA SER A 650 -27.23 29.53 10.74
C SER A 650 -28.12 30.52 10.07
N CYS A 651 -28.38 31.60 10.79
CA CYS A 651 -29.41 32.52 10.35
C CYS A 651 -28.83 33.87 10.00
N LEU A 652 -29.40 34.52 8.99
CA LEU A 652 -29.12 35.92 8.72
C LEU A 652 -29.36 36.77 9.95
N THR A 653 -28.97 38.02 9.90
CA THR A 653 -29.15 38.83 11.08
C THR A 653 -30.62 39.15 11.31
N GLY A 654 -31.00 39.23 12.57
CA GLY A 654 -32.37 39.53 12.89
C GLY A 654 -33.19 38.28 12.96
N PHE A 655 -32.55 37.13 12.74
CA PHE A 655 -33.18 35.83 12.92
C PHE A 655 -32.28 34.91 13.73
N GLU A 656 -32.90 33.96 14.41
CA GLU A 656 -32.17 32.94 15.11
C GLU A 656 -32.77 31.56 14.83
N THR A 657 -31.93 30.53 14.80
CA THR A 657 -32.42 29.19 14.57
C THR A 657 -33.39 28.79 15.65
N VAL A 658 -34.37 27.99 15.27
CA VAL A 658 -35.22 27.29 16.22
C VAL A 658 -35.35 25.91 15.63
N GLY A 659 -34.95 24.90 16.39
CA GLY A 659 -34.75 23.54 15.86
C GLY A 659 -33.28 23.11 15.88
N TYR A 660 -33.05 21.80 15.88
CA TYR A 660 -31.71 21.23 15.67
C TYR A 660 -31.03 21.77 14.40
N GLN A 661 -29.80 22.21 14.55
CA GLN A 661 -29.15 23.08 13.58
C GLN A 661 -28.18 22.38 12.63
N TYR A 662 -28.25 21.05 12.58
CA TYR A 662 -27.36 20.25 11.73
C TYR A 662 -28.16 19.31 10.81
N PHE A 663 -27.79 19.33 9.50
CA PHE A 663 -28.20 18.31 8.52
C PHE A 663 -27.10 17.28 8.42
N ARG A 664 -27.48 16.02 8.21
CA ARG A 664 -26.52 14.95 8.06
C ARG A 664 -26.62 14.29 6.72
N CYS A 665 -25.46 14.08 6.13
CA CYS A 665 -25.39 13.41 4.87
C CYS A 665 -25.72 11.93 5.02
N LEU A 666 -26.78 11.52 4.35
CA LEU A 666 -27.20 10.14 4.29
C LEU A 666 -26.52 9.29 3.20
N PRO A 667 -26.38 7.98 3.46
CA PRO A 667 -25.71 7.08 2.51
C PRO A 667 -26.43 7.19 1.17
N ASP A 668 -27.74 7.26 1.30
CA ASP A 668 -28.66 7.70 0.27
C ASP A 668 -28.16 8.76 -0.69
N GLY A 669 -27.31 9.69 -0.22
CA GLY A 669 -27.00 10.91 -0.97
C GLY A 669 -27.97 12.03 -0.62
N THR A 670 -28.76 11.75 0.39
CA THR A 670 -29.88 12.56 0.78
C THR A 670 -29.58 13.20 2.11
N TRP A 671 -30.28 14.25 2.47
CA TRP A 671 -29.96 14.94 3.72
C TRP A 671 -30.98 14.65 4.82
N ARG A 672 -30.51 14.23 5.98
CA ARG A 672 -31.40 14.13 7.13
C ARG A 672 -31.52 15.55 7.68
N GLN A 673 -32.73 16.01 7.94
CA GLN A 673 -32.90 17.39 8.37
C GLN A 673 -33.77 17.51 9.64
N GLY A 674 -33.30 18.29 10.59
CA GLY A 674 -34.14 18.63 11.71
C GLY A 674 -35.26 19.55 11.24
N ASP A 675 -36.31 19.69 12.05
CA ASP A 675 -37.25 20.76 11.81
C ASP A 675 -36.60 22.09 12.12
N VAL A 676 -35.54 22.47 11.39
CA VAL A 676 -34.96 23.73 11.77
C VAL A 676 -35.42 24.90 10.92
N GLU A 677 -35.57 26.07 11.55
CA GLU A 677 -35.99 27.29 10.86
C GLU A 677 -35.37 28.52 11.46
N CYS A 678 -35.51 29.59 10.72
CA CYS A 678 -34.93 30.84 11.14
C CYS A 678 -36.05 31.79 11.51
N GLN A 679 -36.34 31.84 12.79
CA GLN A 679 -37.42 32.67 13.33
C GLN A 679 -36.91 34.08 13.64
N ARG A 680 -37.75 35.09 13.50
CA ARG A 680 -37.27 36.45 13.84
C ARG A 680 -37.04 36.65 15.32
N THR A 681 -36.12 37.54 15.67
CA THR A 681 -35.77 37.65 17.08
C THR A 681 -36.97 38.16 17.89
N GLU A 682 -37.03 37.76 19.15
CA GLU A 682 -38.17 38.10 19.98
C GLU A 682 -37.68 38.14 21.39
N CYS A 683 -38.09 39.14 22.16
CA CYS A 683 -37.86 39.08 23.59
C CYS A 683 -38.89 38.17 24.20
N ILE A 684 -38.54 37.56 25.32
CA ILE A 684 -39.44 36.72 26.06
C ILE A 684 -39.87 37.46 27.32
N LYS A 685 -40.70 36.82 28.12
CA LYS A 685 -41.31 37.46 29.28
C LYS A 685 -40.30 37.70 30.42
N PRO A 686 -40.02 38.98 30.76
CA PRO A 686 -39.11 39.44 31.82
C PRO A 686 -39.31 38.80 33.19
N VAL A 687 -38.27 38.95 34.01
CA VAL A 687 -38.14 38.36 35.34
C VAL A 687 -39.34 38.66 36.26
N VAL A 688 -40.20 37.65 36.37
CA VAL A 688 -41.46 37.76 37.07
C VAL A 688 -41.30 37.68 38.58
N GLN A 689 -41.27 38.81 39.25
CA GLN A 689 -41.52 38.78 40.68
C GLN A 689 -43.04 38.77 40.80
N GLU A 690 -43.60 37.78 41.48
CA GLU A 690 -45.06 37.66 41.58
C GLU A 690 -45.73 38.95 42.10
N VAL A 691 -44.95 39.82 42.74
CA VAL A 691 -45.43 41.16 43.11
C VAL A 691 -45.88 41.99 41.89
N LEU A 692 -44.96 42.33 41.00
CA LEU A 692 -45.26 43.15 39.82
C LEU A 692 -46.25 42.52 38.82
N THR A 693 -46.79 43.35 37.93
CA THR A 693 -47.64 42.89 36.82
C THR A 693 -47.28 43.52 35.48
N ILE A 694 -46.70 42.71 34.61
CA ILE A 694 -46.38 43.14 33.25
C ILE A 694 -47.67 43.36 32.44
N THR A 695 -47.66 44.38 31.58
CA THR A 695 -48.82 44.67 30.75
C THR A 695 -48.45 45.41 29.45
N PRO A 696 -48.82 44.86 28.27
CA PRO A 696 -49.59 43.65 27.96
C PRO A 696 -48.88 42.40 28.37
N PHE A 697 -49.60 41.44 28.95
CA PHE A 697 -49.01 40.14 29.19
C PHE A 697 -49.02 39.33 27.91
N GLN A 698 -47.83 39.00 27.41
CA GLN A 698 -47.66 38.17 26.22
C GLN A 698 -46.62 37.12 26.57
N ARG A 699 -46.61 36.01 25.87
CA ARG A 699 -45.53 35.05 26.04
C ARG A 699 -44.32 35.39 25.15
N LEU A 700 -44.55 36.00 23.99
CA LEU A 700 -43.47 36.54 23.13
C LEU A 700 -43.76 37.96 22.63
N TYR A 701 -42.74 38.82 22.70
CA TYR A 701 -42.87 40.19 22.26
C TYR A 701 -42.06 40.43 20.99
N ARG A 702 -42.52 41.39 20.19
CA ARG A 702 -41.87 41.69 18.94
C ARG A 702 -40.90 42.84 19.17
N ILE A 703 -39.84 42.89 18.39
CA ILE A 703 -38.93 44.03 18.44
C ILE A 703 -39.76 45.28 18.20
N GLY A 704 -39.81 46.17 19.18
CA GLY A 704 -40.51 47.45 19.04
C GLY A 704 -41.64 47.67 20.03
N GLU A 705 -41.97 46.66 20.81
CA GLU A 705 -43.15 46.76 21.67
C GLU A 705 -42.72 46.89 23.13
N SER A 706 -43.46 47.67 23.90
CA SER A 706 -43.11 47.92 25.30
C SER A 706 -44.03 47.25 26.30
N ILE A 707 -43.51 46.96 27.48
CA ILE A 707 -44.30 46.48 28.59
C ILE A 707 -44.36 47.59 29.64
N GLU A 708 -45.39 47.59 30.48
CA GLU A 708 -45.47 48.53 31.58
C GLU A 708 -45.56 47.74 32.87
N LEU A 709 -44.48 47.75 33.65
CA LEU A 709 -44.48 47.11 34.96
C LEU A 709 -45.14 47.99 35.99
N THR A 710 -46.09 47.42 36.70
CA THR A 710 -46.80 48.19 37.73
C THR A 710 -47.00 47.36 38.98
N CYS A 711 -47.23 48.07 40.09
CA CYS A 711 -47.44 47.49 41.41
C CYS A 711 -48.70 48.10 41.99
N PRO A 712 -49.34 47.40 42.95
CA PRO A 712 -50.50 47.87 43.74
C PRO A 712 -50.39 49.31 44.24
N LYS A 713 -51.43 49.75 44.96
CA LYS A 713 -51.56 51.16 45.38
C LYS A 713 -50.51 51.63 46.37
N GLY A 714 -50.34 50.88 47.44
CA GLY A 714 -49.38 51.28 48.45
C GLY A 714 -47.98 51.32 47.87
N PHE A 715 -47.85 50.76 46.68
CA PHE A 715 -46.52 50.49 46.17
C PHE A 715 -46.24 51.21 44.84
N VAL A 716 -44.95 51.44 44.59
CA VAL A 716 -44.49 52.07 43.35
C VAL A 716 -43.22 51.36 42.87
N VAL A 717 -42.99 51.37 41.57
CA VAL A 717 -41.83 50.67 40.99
C VAL A 717 -40.54 51.45 41.21
N ALA A 718 -39.55 50.79 41.83
CA ALA A 718 -38.23 51.40 42.05
C ALA A 718 -37.65 51.92 40.73
N GLY A 719 -37.47 51.00 39.79
CA GLY A 719 -36.95 51.33 38.48
C GLY A 719 -37.97 52.01 37.59
N PRO A 720 -37.62 52.21 36.31
CA PRO A 720 -38.58 52.83 35.38
C PRO A 720 -39.79 51.92 35.24
N SER A 721 -40.88 52.41 34.67
CA SER A 721 -42.11 51.66 34.57
C SER A 721 -42.28 51.09 33.15
N ARG A 722 -41.35 51.43 32.27
CA ARG A 722 -41.49 51.06 30.86
C ARG A 722 -40.16 50.58 30.25
N TYR A 723 -40.11 49.28 30.01
CA TYR A 723 -39.04 48.64 29.25
C TYR A 723 -39.55 48.29 27.85
N THR A 724 -38.63 48.19 26.90
CA THR A 724 -38.99 47.96 25.50
C THR A 724 -38.16 46.81 24.90
N CYS A 725 -38.75 46.08 23.94
CA CYS A 725 -38.04 44.97 23.31
C CYS A 725 -37.26 45.37 22.07
N GLN A 726 -35.95 45.44 22.24
CA GLN A 726 -35.02 45.53 21.13
C GLN A 726 -34.60 44.13 20.73
N GLY A 727 -33.54 44.02 19.96
CA GLY A 727 -33.08 42.72 19.52
C GLY A 727 -33.00 41.66 20.59
N ASN A 728 -34.15 41.12 20.98
CA ASN A 728 -34.20 39.98 21.89
C ASN A 728 -33.57 40.17 23.26
N SER A 729 -33.39 41.41 23.66
CA SER A 729 -33.09 41.81 25.03
C SER A 729 -33.93 43.06 25.32
N TRP A 730 -34.02 43.50 26.58
CA TRP A 730 -34.87 44.68 26.85
C TRP A 730 -34.10 45.99 27.02
N THR A 731 -34.61 46.90 27.87
CA THR A 731 -33.85 48.14 28.17
C THR A 731 -33.91 48.71 29.60
N PRO A 732 -33.31 48.00 30.59
CA PRO A 732 -32.86 46.62 30.65
C PRO A 732 -33.51 45.91 31.86
N PRO A 733 -33.54 44.56 31.83
CA PRO A 733 -34.32 43.70 32.74
C PRO A 733 -33.74 43.51 34.14
N ILE A 734 -33.97 44.49 35.01
CA ILE A 734 -33.45 44.53 36.40
C ILE A 734 -33.26 43.20 37.14
N SER A 735 -33.69 42.08 36.56
CA SER A 735 -33.42 40.76 37.12
C SER A 735 -33.47 40.84 38.65
N ASN A 736 -34.62 41.30 39.15
CA ASN A 736 -34.92 41.38 40.59
C ASN A 736 -34.51 42.66 41.34
N SER A 737 -33.72 43.54 40.72
CA SER A 737 -33.34 44.81 41.34
C SER A 737 -34.48 45.84 41.28
N LEU A 738 -35.67 45.33 40.99
CA LEU A 738 -36.85 46.15 40.78
C LEU A 738 -38.05 45.57 41.51
N THR A 739 -38.47 46.21 42.60
CA THR A 739 -39.76 45.87 43.21
C THR A 739 -40.50 47.12 43.65
N CYS A 740 -41.76 46.95 44.06
CA CYS A 740 -42.56 48.08 44.48
C CYS A 740 -42.42 48.35 45.97
N GLU A 741 -41.50 49.26 46.32
CA GLU A 741 -41.35 49.75 47.67
C GLU A 741 -42.58 50.57 48.02
N LYS A 742 -42.82 50.81 49.31
CA LYS A 742 -43.99 51.59 49.72
C LYS A 742 -43.73 53.10 49.62
N ASP A 743 -43.93 53.65 48.43
CA ASP A 743 -43.67 55.06 48.18
C ASP A 743 -44.89 55.79 47.62
N THR A 744 -45.42 56.72 48.39
CA THR A 744 -46.52 57.57 47.94
C THR A 744 -46.43 58.94 48.61
N GLY A 750 -49.39 71.35 58.36
CA GLY A 750 -48.70 71.17 57.10
C GLY A 750 -47.60 72.20 56.90
N HIS A 751 -47.91 73.47 57.19
CA HIS A 751 -46.94 74.56 57.04
C HIS A 751 -45.88 74.55 58.14
N CYS A 752 -46.07 73.69 59.14
CA CYS A 752 -45.12 73.55 60.23
C CYS A 752 -43.72 73.26 59.66
N GLN A 753 -43.69 72.90 58.38
CA GLN A 753 -42.44 72.66 57.65
C GLN A 753 -41.81 71.31 58.03
N LEU A 754 -42.60 70.47 58.70
CA LEU A 754 -42.22 69.08 58.99
C LEU A 754 -41.16 68.91 60.09
N GLY A 755 -40.60 70.02 60.56
CA GLY A 755 -39.69 69.96 61.69
C GLY A 755 -40.44 69.64 62.97
N GLN A 756 -41.52 70.37 63.19
CA GLN A 756 -42.37 70.16 64.36
C GLN A 756 -43.70 69.53 63.93
N LYS A 757 -44.35 68.84 64.86
CA LYS A 757 -45.68 68.30 64.65
C LYS A 757 -46.72 69.23 65.30
N GLN A 758 -47.94 69.27 64.78
CA GLN A 758 -48.94 70.18 65.34
C GLN A 758 -49.56 69.69 66.66
N SER A 759 -50.12 70.64 67.41
CA SER A 759 -50.83 70.39 68.66
C SER A 759 -51.30 71.74 69.22
N GLY A 760 -52.60 72.00 69.14
CA GLY A 760 -53.15 73.27 69.56
C GLY A 760 -52.90 74.35 68.52
N SER A 761 -52.77 73.92 67.28
CA SER A 761 -52.62 74.80 66.12
C SER A 761 -51.20 75.35 66.04
N GLU A 762 -50.36 74.90 66.96
CA GLU A 762 -48.99 75.37 67.04
C GLU A 762 -48.01 74.22 66.98
N CYS A 763 -47.03 74.32 66.11
CA CYS A 763 -46.05 73.26 65.99
C CYS A 763 -45.16 73.16 67.23
N ILE A 764 -44.90 71.92 67.61
CA ILE A 764 -44.04 71.52 68.72
C ILE A 764 -43.06 70.45 68.25
N CYS A 765 -41.89 70.40 68.89
CA CYS A 765 -40.83 69.42 68.57
C CYS A 765 -41.26 67.96 68.79
N MET A 766 -41.07 67.12 67.78
CA MET A 766 -41.47 65.73 67.88
C MET A 766 -40.41 64.87 68.56
N SER A 767 -40.83 63.79 69.22
CA SER A 767 -39.86 62.87 69.82
C SER A 767 -39.33 61.87 68.79
N PRO A 768 -38.00 61.79 68.68
CA PRO A 768 -37.39 60.98 67.62
C PRO A 768 -37.64 59.48 67.78
N GLU A 769 -37.79 59.01 69.01
CA GLU A 769 -37.96 57.58 69.25
C GLU A 769 -39.41 57.14 69.29
N GLU A 770 -40.32 58.11 69.18
CA GLU A 770 -41.76 57.90 69.33
C GLU A 770 -42.57 58.33 68.11
N ASP A 771 -42.02 59.26 67.33
CA ASP A 771 -42.74 59.87 66.23
C ASP A 771 -42.21 59.49 64.84
N CYS A 772 -40.98 59.02 64.76
CA CYS A 772 -40.38 58.77 63.46
C CYS A 772 -40.53 57.32 63.02
N SER A 773 -41.32 57.11 61.97
CA SER A 773 -41.70 55.75 61.55
C SER A 773 -41.03 55.31 60.25
N HIS A 774 -41.55 55.81 59.13
CA HIS A 774 -40.97 55.55 57.81
C HIS A 774 -39.58 56.17 57.78
N HIS A 775 -38.56 55.37 58.05
CA HIS A 775 -37.20 55.84 57.96
C HIS A 775 -37.16 56.80 56.77
N SER A 776 -36.86 58.06 57.02
CA SER A 776 -36.60 58.97 55.93
C SER A 776 -35.38 58.40 55.23
N GLU A 777 -34.97 59.00 54.13
CA GLU A 777 -33.70 58.64 53.53
C GLU A 777 -32.73 58.44 54.70
N ASP A 778 -31.82 57.49 54.56
CA ASP A 778 -30.75 57.38 55.56
C ASP A 778 -29.80 58.56 55.36
N LEU A 779 -29.48 59.24 56.46
CA LEU A 779 -28.54 60.35 56.44
C LEU A 779 -27.26 59.94 57.12
N CYS A 780 -26.19 60.66 56.81
CA CYS A 780 -24.96 60.50 57.53
C CYS A 780 -24.71 61.75 58.33
N VAL A 781 -24.92 61.67 59.64
CA VAL A 781 -24.71 62.84 60.50
C VAL A 781 -23.42 62.73 61.31
N PHE A 782 -22.84 63.88 61.63
CA PHE A 782 -21.61 63.92 62.42
C PHE A 782 -21.89 64.44 63.83
N ASP A 783 -21.05 64.03 64.78
CA ASP A 783 -21.21 64.45 66.18
C ASP A 783 -19.97 65.22 66.65
N THR A 784 -20.13 66.53 66.86
CA THR A 784 -19.01 67.34 67.29
C THR A 784 -18.57 66.91 68.69
N ASP A 785 -19.54 66.55 69.52
CA ASP A 785 -19.31 66.23 70.93
C ASP A 785 -18.61 64.90 71.17
N SER A 786 -18.63 64.01 70.18
CA SER A 786 -18.08 62.67 70.35
C SER A 786 -16.98 62.38 69.34
N ASN A 787 -16.65 63.37 68.51
CA ASN A 787 -15.77 63.23 67.35
C ASN A 787 -16.04 61.94 66.58
N ASP A 788 -17.30 61.76 66.18
CA ASP A 788 -17.79 60.49 65.64
C ASP A 788 -19.01 60.67 64.74
N TYR A 789 -19.04 59.92 63.65
CA TYR A 789 -20.16 59.98 62.71
C TYR A 789 -20.88 58.63 62.59
N PHE A 790 -22.14 58.67 62.16
CA PHE A 790 -22.98 57.49 62.10
C PHE A 790 -24.18 57.76 61.20
N THR A 791 -24.89 56.71 60.82
CA THR A 791 -26.06 56.86 59.97
C THR A 791 -27.30 57.09 60.82
N SER A 792 -28.23 57.88 60.30
CA SER A 792 -29.47 58.18 61.02
C SER A 792 -30.59 58.55 60.07
N PRO A 793 -31.83 58.31 60.48
CA PRO A 793 -32.99 58.69 59.66
C PRO A 793 -33.22 60.17 59.76
N ALA A 794 -33.33 60.83 58.61
CA ALA A 794 -33.56 62.27 58.58
C ALA A 794 -34.62 62.71 59.59
N CYS A 795 -35.73 61.96 59.64
CA CYS A 795 -36.84 62.33 60.51
C CYS A 795 -36.39 62.62 61.94
N LYS A 796 -35.56 61.73 62.46
CA LYS A 796 -35.02 61.91 63.80
C LYS A 796 -34.07 63.09 63.81
N PHE A 797 -33.11 63.10 62.88
CA PHE A 797 -32.13 64.17 62.78
C PHE A 797 -32.88 65.48 62.86
N LEU A 798 -33.68 65.74 61.84
CA LEU A 798 -34.61 66.85 61.85
C LEU A 798 -35.11 67.13 63.27
N ALA A 799 -35.81 66.16 63.86
CA ALA A 799 -36.41 66.36 65.18
C ALA A 799 -35.38 66.72 66.26
N GLU A 800 -34.28 65.96 66.32
CA GLU A 800 -33.24 66.23 67.30
C GLU A 800 -32.72 67.66 67.14
N LYS A 801 -32.74 68.14 65.90
CA LYS A 801 -32.26 69.48 65.57
C LYS A 801 -32.85 70.57 66.46
N CYS A 802 -34.15 70.50 66.74
CA CYS A 802 -34.80 71.50 67.59
C CYS A 802 -33.94 71.98 68.78
N LEU A 803 -33.38 71.05 69.56
CA LEU A 803 -32.57 71.41 70.72
C LEU A 803 -31.06 71.33 70.48
N ASN A 804 -30.53 70.12 70.65
CA ASN A 804 -29.10 69.85 70.62
C ASN A 804 -28.43 70.17 69.28
N ASN A 805 -29.20 70.58 68.28
CA ASN A 805 -28.66 70.62 66.92
C ASN A 805 -27.33 71.35 66.78
N GLN A 806 -27.08 72.31 67.65
CA GLN A 806 -25.81 73.00 67.63
C GLN A 806 -24.70 72.09 68.17
N GLN A 807 -24.97 70.77 68.17
CA GLN A 807 -23.99 69.75 68.54
C GLN A 807 -23.85 68.72 67.42
N LEU A 808 -24.97 68.38 66.77
CA LEU A 808 -24.98 67.42 65.66
C LEU A 808 -25.19 68.08 64.30
N HIS A 809 -24.23 67.88 63.42
CA HIS A 809 -24.34 68.40 62.06
C HIS A 809 -24.58 67.30 61.05
N PHE A 810 -25.54 67.54 60.16
CA PHE A 810 -25.74 66.78 58.93
C PHE A 810 -24.39 66.59 58.23
N LEU A 811 -24.32 65.68 57.26
CA LEU A 811 -23.08 65.46 56.55
C LEU A 811 -23.33 65.04 55.09
N HIS A 812 -23.63 63.75 54.85
CA HIS A 812 -23.99 63.30 53.51
C HIS A 812 -25.36 62.64 53.49
N ILE A 813 -26.11 62.80 52.41
CA ILE A 813 -27.26 61.94 52.19
C ILE A 813 -26.71 60.53 52.09
N GLY A 814 -27.56 59.54 52.33
CA GLY A 814 -27.19 58.14 52.24
C GLY A 814 -26.49 57.61 53.48
N SER A 815 -26.17 56.32 53.47
CA SER A 815 -25.47 55.73 54.59
C SER A 815 -24.06 56.32 54.67
N CYS A 816 -23.51 56.41 55.88
CA CYS A 816 -22.12 56.82 56.05
C CYS A 816 -21.18 56.01 55.16
N GLN A 817 -20.27 56.73 54.50
CA GLN A 817 -19.27 56.09 53.67
C GLN A 817 -18.21 57.09 53.23
N ASP A 818 -16.98 56.60 53.11
CA ASP A 818 -15.87 57.45 52.69
C ASP A 818 -16.11 58.10 51.33
N GLY A 819 -15.83 59.39 51.24
CA GLY A 819 -15.99 60.14 50.02
C GLY A 819 -15.44 61.54 50.17
N ARG A 820 -15.37 62.28 49.07
CA ARG A 820 -14.92 63.66 49.13
C ARG A 820 -15.86 64.45 50.03
N GLN A 821 -17.15 64.13 49.97
CA GLN A 821 -18.16 64.81 50.77
C GLN A 821 -17.77 64.81 52.24
N LEU A 822 -17.47 63.63 52.77
CA LEU A 822 -17.03 63.49 54.16
C LEU A 822 -15.91 64.48 54.48
N GLU A 823 -14.81 64.33 53.75
CA GLU A 823 -13.68 65.23 53.91
C GLU A 823 -14.14 66.68 53.74
N TRP A 824 -14.99 66.93 52.75
CA TRP A 824 -15.53 68.27 52.52
C TRP A 824 -16.36 68.74 53.72
N GLY A 825 -17.30 67.90 54.15
CA GLY A 825 -18.13 68.19 55.30
C GLY A 825 -17.30 68.30 56.57
N LEU A 826 -16.12 67.71 56.55
CA LEU A 826 -15.16 67.84 57.64
C LEU A 826 -14.61 69.25 57.66
N GLU A 827 -13.89 69.62 56.59
CA GLU A 827 -13.33 70.95 56.45
C GLU A 827 -14.39 72.00 56.75
N ARG A 828 -15.64 71.71 56.41
CA ARG A 828 -16.75 72.65 56.62
C ARG A 828 -16.99 72.91 58.11
N THR A 829 -17.22 71.84 58.86
CA THR A 829 -17.53 71.91 60.28
C THR A 829 -16.39 72.49 61.09
N ARG A 830 -15.17 72.32 60.60
CA ARG A 830 -14.01 72.88 61.29
C ARG A 830 -14.14 74.40 61.44
N LEU A 831 -14.70 75.07 60.44
CA LEU A 831 -14.89 76.52 60.52
C LEU A 831 -15.51 76.83 61.86
N SER A 832 -16.40 75.93 62.29
CA SER A 832 -16.87 75.91 63.67
C SER A 832 -17.56 77.20 64.09
N SER A 833 -17.21 77.64 65.30
CA SER A 833 -17.77 78.83 65.90
C SER A 833 -17.57 80.06 65.01
N ASN A 834 -18.36 81.10 65.28
CA ASN A 834 -18.33 82.35 64.53
C ASN A 834 -19.20 82.33 63.26
N SER A 835 -19.84 81.19 62.99
CA SER A 835 -20.67 81.07 61.80
C SER A 835 -22.16 81.03 62.15
N THR A 836 -22.97 81.69 61.32
CA THR A 836 -24.40 81.77 61.53
C THR A 836 -25.15 81.37 60.25
N LYS A 837 -26.20 80.55 60.38
CA LYS A 837 -26.88 80.01 59.20
C LYS A 837 -28.40 80.17 59.18
N LYS A 838 -28.89 80.86 58.15
CA LYS A 838 -30.33 81.07 57.91
C LYS A 838 -30.74 80.45 56.56
N GLU A 839 -30.90 79.12 56.52
CA GLU A 839 -31.33 78.45 55.29
C GLU A 839 -32.34 77.31 55.53
N SER A 840 -33.08 76.96 54.47
CA SER A 840 -34.08 75.89 54.55
C SER A 840 -34.42 75.29 53.19
N CYS A 841 -33.45 74.59 52.58
CA CYS A 841 -33.68 73.88 51.33
C CYS A 841 -34.47 72.61 51.62
N GLY A 842 -34.33 72.11 52.85
CA GLY A 842 -34.79 70.80 53.24
C GLY A 842 -33.57 70.07 53.77
N TYR A 843 -32.41 70.57 53.38
CA TYR A 843 -31.11 70.08 53.82
C TYR A 843 -31.00 70.04 55.35
N ASP A 844 -31.29 71.15 56.02
CA ASP A 844 -31.63 72.42 55.37
C ASP A 844 -30.47 73.39 55.57
N THR A 845 -29.40 72.88 56.15
CA THR A 845 -28.23 73.65 56.52
C THR A 845 -27.33 73.99 55.32
N CYS A 846 -26.91 75.25 55.23
CA CYS A 846 -26.09 75.71 54.12
C CYS A 846 -24.84 76.39 54.65
N TYR A 847 -23.69 76.02 54.10
CA TYR A 847 -22.39 76.57 54.52
C TYR A 847 -22.35 78.09 54.29
N ASP A 848 -21.65 78.82 55.16
CA ASP A 848 -21.55 80.28 55.05
C ASP A 848 -21.46 80.73 53.60
N TRP A 849 -20.36 80.33 52.95
CA TRP A 849 -20.04 80.70 51.57
C TRP A 849 -21.13 80.38 50.54
N GLU A 850 -21.88 79.31 50.77
CA GLU A 850 -22.94 78.89 49.86
C GLU A 850 -24.25 79.65 50.09
N LYS A 851 -25.22 79.42 49.21
CA LYS A 851 -26.55 80.02 49.34
C LYS A 851 -27.61 78.97 48.95
N CYS A 852 -28.70 78.86 49.72
CA CYS A 852 -29.77 77.93 49.35
C CYS A 852 -30.43 78.39 48.06
N SER A 853 -30.85 77.44 47.23
CA SER A 853 -31.36 77.77 45.91
C SER A 853 -32.85 78.11 45.92
N ALA A 854 -33.41 78.23 47.12
CA ALA A 854 -34.82 78.60 47.31
C ALA A 854 -35.75 77.55 46.72
N SER A 855 -35.97 76.48 47.49
CA SER A 855 -36.82 75.37 47.06
C SER A 855 -36.18 74.47 45.99
N THR A 856 -35.06 74.91 45.40
CA THR A 856 -34.32 74.08 44.43
C THR A 856 -33.72 72.86 45.14
N SER A 857 -33.37 73.05 46.42
CA SER A 857 -33.11 71.97 47.38
C SER A 857 -31.65 71.73 47.74
N LYS A 858 -30.73 72.50 47.17
CA LYS A 858 -29.32 72.33 47.49
C LYS A 858 -28.55 73.64 47.41
N CYS A 859 -27.46 73.71 48.16
CA CYS A 859 -26.63 74.90 48.21
C CYS A 859 -25.74 75.03 46.98
N VAL A 860 -25.35 76.26 46.68
CA VAL A 860 -24.57 76.58 45.49
C VAL A 860 -23.32 77.37 45.93
N CYS A 861 -22.32 77.42 45.06
CA CYS A 861 -21.07 78.11 45.39
C CYS A 861 -21.03 79.56 44.91
N LEU A 862 -20.03 80.31 45.35
CA LEU A 862 -19.95 81.74 45.06
C LEU A 862 -18.63 82.13 44.41
N LEU A 863 -18.64 83.27 43.73
CA LEU A 863 -17.40 83.89 43.27
C LEU A 863 -16.93 84.87 44.33
N PRO A 864 -15.61 84.96 44.53
CA PRO A 864 -15.03 85.92 45.48
C PRO A 864 -15.59 87.35 45.35
N PRO A 865 -15.93 87.80 44.12
CA PRO A 865 -16.56 89.12 43.95
C PRO A 865 -17.70 89.39 44.92
N GLN A 866 -18.56 88.39 45.14
CA GLN A 866 -19.74 88.57 45.99
C GLN A 866 -19.49 88.20 47.45
N CYS A 867 -18.62 88.96 48.11
CA CYS A 867 -18.36 88.79 49.54
C CYS A 867 -19.11 89.86 50.35
N PHE A 868 -20.44 89.81 50.36
CA PHE A 868 -21.25 90.80 51.06
C PHE A 868 -21.09 90.73 52.57
N LYS A 869 -21.46 89.59 53.14
CA LYS A 869 -21.38 89.38 54.58
C LYS A 869 -19.92 89.37 55.04
N GLY A 870 -19.67 89.94 56.22
CA GLY A 870 -18.32 90.03 56.75
C GLY A 870 -17.57 88.71 56.69
N GLY A 871 -16.28 88.78 56.38
CA GLY A 871 -15.46 87.59 56.32
C GLY A 871 -14.29 87.64 57.28
N ASN A 872 -14.28 86.73 58.26
CA ASN A 872 -13.18 86.66 59.21
C ASN A 872 -11.85 86.61 58.48
N GLN A 873 -10.80 87.08 59.16
CA GLN A 873 -9.51 87.23 58.51
C GLN A 873 -8.68 85.94 58.55
N LEU A 874 -8.76 85.20 57.45
CA LEU A 874 -7.95 84.01 57.24
C LEU A 874 -6.82 84.33 56.26
N TYR A 875 -6.01 85.32 56.64
CA TYR A 875 -4.90 85.79 55.80
C TYR A 875 -4.12 84.65 55.16
N CYS A 876 -3.45 83.85 55.98
CA CYS A 876 -2.50 82.85 55.48
C CYS A 876 -3.10 81.67 54.74
N VAL A 877 -2.84 81.62 53.45
CA VAL A 877 -3.30 80.54 52.57
C VAL A 877 -2.42 80.45 51.33
N LYS A 878 -2.09 79.23 50.91
CA LYS A 878 -1.33 79.01 49.69
C LYS A 878 -2.27 78.82 48.50
N MET A 879 -2.03 79.57 47.42
CA MET A 879 -2.94 79.59 46.26
C MET A 879 -2.79 78.37 45.34
N GLY A 880 -1.55 77.93 45.11
CA GLY A 880 -1.29 76.79 44.25
C GLY A 880 -0.98 77.21 42.82
N SER A 881 -1.82 78.10 42.27
CA SER A 881 -1.58 78.67 40.96
C SER A 881 -0.31 79.53 40.99
N SER A 882 -0.28 80.50 41.91
CA SER A 882 0.85 81.42 42.03
C SER A 882 1.95 80.85 42.93
N THR A 883 1.71 79.69 43.52
CA THR A 883 2.66 79.04 44.42
C THR A 883 3.23 79.95 45.51
N SER A 884 2.36 80.77 46.10
CA SER A 884 2.75 81.75 47.11
C SER A 884 1.71 81.83 48.24
N GLU A 885 2.02 82.60 49.29
CA GLU A 885 1.06 82.83 50.37
C GLU A 885 0.55 84.27 50.39
N LYS A 886 -0.78 84.43 50.35
CA LYS A 886 -1.41 85.75 50.30
C LYS A 886 -2.62 85.85 51.24
N THR A 887 -3.12 87.07 51.44
CA THR A 887 -4.22 87.34 52.36
C THR A 887 -5.61 87.20 51.70
N LEU A 888 -6.51 86.46 52.35
CA LEU A 888 -7.86 86.21 51.81
C LEU A 888 -8.94 85.99 52.89
N ASN A 889 -10.11 86.63 52.74
CA ASN A 889 -11.22 86.51 53.69
C ASN A 889 -11.81 85.09 53.69
N ILE A 890 -12.64 84.75 54.68
CA ILE A 890 -13.27 83.40 54.71
C ILE A 890 -14.22 83.22 53.53
N CYS A 891 -14.83 84.30 53.09
CA CYS A 891 -15.70 84.27 51.92
C CYS A 891 -14.92 83.76 50.73
N GLU A 892 -13.83 84.45 50.40
CA GLU A 892 -12.96 84.07 49.30
C GLU A 892 -12.29 82.71 49.55
N VAL A 893 -11.86 82.46 50.78
CA VAL A 893 -11.26 81.18 51.15
C VAL A 893 -12.27 80.05 51.06
N GLY A 894 -13.52 80.36 51.41
CA GLY A 894 -14.60 79.40 51.36
C GLY A 894 -15.04 79.09 49.94
N THR A 895 -15.18 80.12 49.11
CA THR A 895 -15.63 79.94 47.74
C THR A 895 -14.63 79.10 46.91
N ILE A 896 -13.39 79.03 47.36
CA ILE A 896 -12.36 78.28 46.65
C ILE A 896 -12.32 76.80 47.05
N ARG A 897 -12.61 76.51 48.31
CA ARG A 897 -12.59 75.14 48.80
C ARG A 897 -13.84 74.36 48.39
N CYS A 898 -14.95 75.08 48.25
CA CYS A 898 -16.19 74.47 47.77
C CYS A 898 -16.06 74.09 46.30
N ALA A 899 -15.72 75.08 45.47
CA ALA A 899 -15.69 74.92 44.02
C ALA A 899 -14.60 73.95 43.54
N ASN A 900 -13.34 74.31 43.81
CA ASN A 900 -12.19 73.55 43.33
C ASN A 900 -11.53 72.78 44.48
N ARG A 901 -11.65 73.31 45.69
CA ARG A 901 -10.97 72.74 46.84
C ARG A 901 -9.47 72.68 46.52
N LYS A 902 -8.99 73.72 45.87
CA LYS A 902 -7.68 73.70 45.24
C LYS A 902 -6.69 74.63 45.94
N MET A 903 -6.43 74.37 47.22
CA MET A 903 -5.49 75.18 47.99
C MET A 903 -5.32 74.65 49.40
N GLU A 904 -4.26 75.11 50.07
CA GLU A 904 -4.01 74.71 51.46
C GLU A 904 -4.05 75.89 52.43
N ILE A 905 -4.85 75.76 53.48
CA ILE A 905 -4.97 76.79 54.50
C ILE A 905 -3.88 76.65 55.57
N LEU A 906 -2.99 77.63 55.63
CA LEU A 906 -1.86 77.59 56.56
C LEU A 906 -2.29 77.81 58.03
N HIS A 907 -3.01 78.90 58.29
CA HIS A 907 -3.40 79.23 59.66
C HIS A 907 -4.28 80.48 59.73
N PRO A 908 -5.37 80.43 60.52
CA PRO A 908 -6.17 81.63 60.77
C PRO A 908 -5.29 82.73 61.33
N GLY A 909 -5.65 83.99 61.06
CA GLY A 909 -4.79 85.10 61.44
C GLY A 909 -3.85 85.46 60.31
N LYS A 910 -3.19 86.61 60.44
CA LYS A 910 -2.36 87.14 59.36
C LYS A 910 -1.40 86.13 58.74
N CYS A 911 -1.09 86.34 57.46
CA CYS A 911 -0.13 85.51 56.76
C CYS A 911 1.19 86.25 56.58
N LEU A 912 2.15 85.57 55.97
CA LEU A 912 3.45 86.17 55.70
C LEU A 912 3.32 87.37 54.76
N ALA A 913 2.46 87.24 53.74
CA ALA A 913 2.23 88.32 52.77
C ALA A 913 1.22 89.35 53.26
#